data_7D0T
#
_entry.id   7D0T
#
_cell.length_a   58.575
_cell.length_b   128.074
_cell.length_c   147.889
_cell.angle_alpha   90.000
_cell.angle_beta   90.000
_cell.angle_gamma   90.000
#
_symmetry.space_group_name_H-M   'P 21 21 21'
#
loop_
_entity.id
_entity.type
_entity.pdbx_description
1 polymer 'Bifunctional cytochrome P450/NADPH--P450 reductase'
2 non-polymer 'PROTOPORPHYRIN IX CONTAINING FE'
3 non-polymer '(2S)-3-phenyl-2-[[(2S)-1-phenylmethoxycarbonylpyrrolidin-2-yl]carbonylamino]propanoic acid'
4 non-polymer (1~{S})-2,3-dihydro-1~{H}-inden-1-amine
5 non-polymer GLYCEROL
6 water water
#
_entity_poly.entity_id   1
_entity_poly.type   'polypeptide(L)'
_entity_poly.pdbx_seq_one_letter_code
;MTIKEMPQPKTFGELKNLPLLNTDKPVQALMKIADELGEIFKFEAPGRVTRYLSSQRLIKEACDESRFDKNLSQALKFVR
DFAGDGLFTSWTHEKNWKKAHNILLPSFSQQAMKGYHAMMVDIAVQLVQKWERLNADEHIEVPEDMTRLTLDTIGLCGFN
YRFNSFYRDQPHPFITSMVRALDEAMNKLQRANPDDPAYDENKRQFQEDIKVMNDLVDKIIADRKASGEQSDDLLTHMLN
GKDPETGEPLDDENIRYQIITFLIAGHETTSGLLSFALYFLVKNPHVLQKAAEEAARVLVDPVPSYKQVKQLKYVGMVLN
EALRLWPTAPAFSLYAKEDTVLGGEYPLEKGDELMVLIPQLHRDKTIWGDDVEEFRPERFENPSAIPQHAFKPFGNGQRA
CIGQQFALHEATLVLGMMLKHFDFEDHTNYELDIKETLTLKPEGFVVKAKSKKIPL
;
_entity_poly.pdbx_strand_id   A,B
#
loop_
_chem_comp.id
_chem_comp.type
_chem_comp.name
_chem_comp.formula
GOL non-polymer GLYCEROL 'C3 H8 O3'
GQR non-polymer (1~{S})-2,3-dihydro-1~{H}-inden-1-amine 'C9 H11 N'
HEM non-polymer 'PROTOPORPHYRIN IX CONTAINING FE' 'C34 H32 Fe N4 O4'
ZP6 non-polymer '(2S)-3-phenyl-2-[[(2S)-1-phenylmethoxycarbonylpyrrolidin-2-yl]carbonylamino]propanoic acid' 'C22 H24 N2 O5'
#
# COMPACT_ATOMS: atom_id res chain seq x y z
N ILE A 3 38.30 -47.60 -1.75
CA ILE A 3 36.81 -47.63 -1.96
C ILE A 3 36.10 -47.82 -0.60
N LYS A 4 35.31 -46.82 -0.17
CA LYS A 4 34.49 -46.84 1.06
C LYS A 4 33.01 -47.05 0.70
N GLU A 5 32.27 -47.65 1.63
CA GLU A 5 30.79 -47.62 1.68
C GLU A 5 30.34 -46.30 2.32
N MET A 6 29.44 -45.62 1.64
CA MET A 6 28.80 -44.38 2.10
C MET A 6 27.82 -44.66 3.24
N PRO A 7 27.75 -43.84 4.30
CA PRO A 7 26.65 -43.95 5.24
C PRO A 7 25.34 -43.49 4.60
N GLN A 8 24.24 -43.89 5.23
CA GLN A 8 22.85 -43.61 4.82
C GLN A 8 22.04 -43.33 6.08
N PRO A 9 21.18 -42.29 6.09
CA PRO A 9 20.34 -42.02 7.25
C PRO A 9 19.25 -43.09 7.41
N LYS A 10 18.46 -42.93 8.46
CA LYS A 10 17.45 -43.94 8.89
C LYS A 10 16.41 -44.14 7.78
N THR A 11 15.93 -45.37 7.66
CA THR A 11 15.00 -45.80 6.59
C THR A 11 13.63 -46.15 7.20
N PHE A 12 12.64 -46.20 6.32
CA PHE A 12 11.20 -46.39 6.62
C PHE A 12 10.67 -47.55 5.77
N GLY A 13 11.31 -48.71 5.88
CA GLY A 13 10.99 -49.90 5.08
C GLY A 13 11.02 -49.54 3.60
N GLU A 14 9.93 -49.86 2.89
N GLU A 14 9.97 -49.88 2.85
CA GLU A 14 9.78 -49.73 1.41
CA GLU A 14 9.95 -49.73 1.36
C GLU A 14 9.90 -48.26 0.97
C GLU A 14 9.95 -48.24 0.96
N LEU A 15 9.62 -47.31 1.87
CA LEU A 15 9.73 -45.84 1.57
C LEU A 15 11.19 -45.36 1.70
N LYS A 16 12.09 -46.23 2.14
CA LYS A 16 13.55 -45.91 2.20
C LYS A 16 13.72 -44.61 3.00
N ASN A 17 14.42 -43.60 2.46
CA ASN A 17 14.65 -42.33 3.20
C ASN A 17 13.57 -41.27 2.91
N LEU A 18 12.62 -41.51 2.00
CA LEU A 18 11.67 -40.46 1.53
C LEU A 18 10.98 -39.76 2.69
N PRO A 19 10.48 -40.45 3.75
CA PRO A 19 9.78 -39.72 4.82
C PRO A 19 10.64 -38.69 5.57
N LEU A 20 11.98 -38.72 5.46
CA LEU A 20 12.87 -37.68 6.07
C LEU A 20 12.58 -36.30 5.44
N LEU A 21 12.00 -36.26 4.24
CA LEU A 21 11.57 -35.00 3.59
C LEU A 21 10.11 -34.68 3.92
N ASN A 22 9.38 -35.51 4.68
CA ASN A 22 8.03 -35.15 5.16
C ASN A 22 8.15 -34.12 6.29
N THR A 23 8.59 -32.90 5.97
CA THR A 23 8.83 -31.80 6.93
C THR A 23 8.69 -30.48 6.16
N ASP A 24 8.39 -29.37 6.82
CA ASP A 24 8.35 -28.06 6.11
C ASP A 24 9.79 -27.53 5.98
N LYS A 25 10.79 -28.20 6.58
CA LYS A 25 12.20 -27.72 6.61
C LYS A 25 13.14 -28.82 6.12
N PRO A 26 13.03 -29.23 4.84
CA PRO A 26 13.82 -30.34 4.33
C PRO A 26 15.33 -30.05 4.27
N VAL A 27 15.71 -28.82 3.90
CA VAL A 27 17.16 -28.47 3.80
C VAL A 27 17.79 -28.53 5.19
N GLN A 28 17.13 -27.94 6.19
CA GLN A 28 17.63 -27.97 7.58
C GLN A 28 17.73 -29.43 8.09
N ALA A 29 16.79 -30.30 7.72
CA ALA A 29 16.84 -31.75 8.07
C ALA A 29 18.08 -32.38 7.44
N LEU A 30 18.34 -32.11 6.16
CA LEU A 30 19.52 -32.65 5.43
C LEU A 30 20.82 -32.11 6.04
N MET A 31 20.82 -30.89 6.53
CA MET A 31 22.01 -30.30 7.19
C MET A 31 22.31 -31.07 8.48
N LYS A 32 21.30 -31.38 9.27
CA LYS A 32 21.45 -32.16 10.53
C LYS A 32 21.92 -33.58 10.18
N ILE A 33 21.39 -34.21 9.13
CA ILE A 33 21.91 -35.53 8.64
C ILE A 33 23.40 -35.40 8.27
N ALA A 34 23.79 -34.36 7.53
CA ALA A 34 25.22 -34.13 7.16
C ALA A 34 26.07 -33.99 8.43
N ASP A 35 25.61 -33.24 9.43
CA ASP A 35 26.37 -33.06 10.70
C ASP A 35 26.58 -34.43 11.35
N GLU A 36 25.61 -35.34 11.28
CA GLU A 36 25.69 -36.71 11.88
C GLU A 36 26.58 -37.63 11.02
N LEU A 37 26.46 -37.60 9.68
CA LEU A 37 27.02 -38.65 8.80
C LEU A 37 28.32 -38.20 8.12
N GLY A 38 28.53 -36.90 7.94
CA GLY A 38 29.79 -36.38 7.39
C GLY A 38 29.67 -35.87 5.96
N GLU A 39 30.74 -36.00 5.22
CA GLU A 39 30.92 -35.25 3.95
C GLU A 39 30.06 -35.87 2.85
N ILE A 40 29.60 -37.11 2.99
CA ILE A 40 28.80 -37.77 1.93
C ILE A 40 27.84 -38.76 2.57
N PHE A 41 26.59 -38.75 2.13
CA PHE A 41 25.61 -39.80 2.50
C PHE A 41 24.71 -40.11 1.31
N LYS A 42 24.31 -41.37 1.26
CA LYS A 42 23.36 -41.95 0.29
C LYS A 42 21.94 -41.60 0.74
N PHE A 43 21.11 -41.18 -0.20
CA PHE A 43 19.70 -40.89 0.08
C PHE A 43 18.84 -41.59 -0.96
N GLU A 44 17.94 -42.44 -0.51
CA GLU A 44 17.13 -43.31 -1.38
C GLU A 44 15.64 -43.03 -1.18
N ALA A 45 14.88 -43.02 -2.26
CA ALA A 45 13.40 -43.02 -2.29
C ALA A 45 12.98 -44.11 -3.28
N PRO A 46 11.71 -44.54 -3.31
CA PRO A 46 11.31 -45.56 -4.29
C PRO A 46 11.71 -45.09 -5.69
N GLY A 47 12.58 -45.86 -6.36
CA GLY A 47 13.07 -45.62 -7.72
C GLY A 47 14.01 -44.43 -7.86
N ARG A 48 14.70 -44.03 -6.80
CA ARG A 48 15.58 -42.82 -6.80
C ARG A 48 16.78 -43.06 -5.88
N VAL A 49 17.98 -42.78 -6.33
CA VAL A 49 19.15 -42.70 -5.40
C VAL A 49 19.84 -41.37 -5.69
N THR A 50 20.18 -40.60 -4.67
CA THR A 50 21.11 -39.47 -4.81
C THR A 50 22.13 -39.52 -3.67
N ARG A 51 23.17 -38.71 -3.78
CA ARG A 51 24.23 -38.59 -2.74
C ARG A 51 24.43 -37.11 -2.40
N TYR A 52 24.30 -36.77 -1.12
CA TYR A 52 24.46 -35.42 -0.56
C TYR A 52 25.91 -35.20 -0.17
N LEU A 53 26.53 -34.15 -0.76
CA LEU A 53 27.94 -33.80 -0.51
C LEU A 53 28.00 -32.56 0.36
N SER A 54 28.98 -32.49 1.27
CA SER A 54 29.09 -31.41 2.29
C SER A 54 30.51 -30.84 2.40
N SER A 55 31.54 -31.56 1.94
CA SER A 55 32.94 -31.12 2.08
C SER A 55 33.38 -30.42 0.80
N GLN A 56 34.23 -29.42 0.95
CA GLN A 56 34.93 -28.75 -0.16
C GLN A 56 35.77 -29.80 -0.91
N ARG A 57 36.35 -30.77 -0.19
CA ARG A 57 37.18 -31.87 -0.79
C ARG A 57 36.37 -32.57 -1.88
N LEU A 58 35.12 -32.93 -1.63
CA LEU A 58 34.29 -33.65 -2.63
C LEU A 58 33.60 -32.67 -3.58
N ILE A 59 33.14 -31.52 -3.10
CA ILE A 59 32.39 -30.56 -3.95
C ILE A 59 33.29 -29.97 -5.04
N LYS A 60 34.58 -29.80 -4.76
CA LYS A 60 35.54 -29.25 -5.77
C LYS A 60 35.59 -30.22 -6.96
N GLU A 61 35.48 -31.52 -6.73
CA GLU A 61 35.43 -32.51 -7.84
C GLU A 61 34.07 -32.44 -8.54
N ALA A 62 32.97 -32.36 -7.79
CA ALA A 62 31.59 -32.32 -8.35
C ALA A 62 31.45 -31.13 -9.31
N CYS A 63 32.22 -30.05 -9.04
CA CYS A 63 32.22 -28.78 -9.79
C CYS A 63 33.16 -28.85 -11.00
N ASP A 64 33.80 -30.00 -11.25
CA ASP A 64 34.56 -30.25 -12.51
C ASP A 64 33.56 -30.47 -13.63
N GLU A 65 33.43 -29.49 -14.53
CA GLU A 65 32.41 -29.51 -15.60
C GLU A 65 32.76 -30.58 -16.65
N SER A 66 34.00 -31.09 -16.70
CA SER A 66 34.41 -32.18 -17.61
C SER A 66 33.81 -33.50 -17.10
N ARG A 67 33.42 -33.58 -15.83
CA ARG A 67 32.99 -34.85 -15.16
C ARG A 67 31.51 -34.81 -14.78
N PHE A 68 30.97 -33.64 -14.48
CA PHE A 68 29.58 -33.49 -13.97
C PHE A 68 28.93 -32.26 -14.63
N ASP A 69 27.64 -32.40 -14.89
CA ASP A 69 26.77 -31.36 -15.49
C ASP A 69 25.58 -31.18 -14.54
N LYS A 70 24.86 -30.08 -14.70
CA LYS A 70 23.64 -29.78 -13.93
C LYS A 70 22.59 -30.88 -14.15
N ASN A 71 22.04 -31.37 -13.04
CA ASN A 71 20.86 -32.25 -13.03
C ASN A 71 19.63 -31.44 -12.66
N LEU A 72 18.46 -31.78 -13.23
CA LEU A 72 17.16 -31.32 -12.70
C LEU A 72 16.75 -32.32 -11.62
N SER A 73 16.81 -31.88 -10.37
CA SER A 73 16.29 -32.57 -9.18
C SER A 73 14.79 -32.74 -9.35
N GLN A 74 14.18 -33.49 -8.44
CA GLN A 74 12.72 -33.72 -8.51
C GLN A 74 12.01 -32.36 -8.38
N ALA A 75 12.48 -31.49 -7.47
CA ALA A 75 11.91 -30.13 -7.30
C ALA A 75 11.92 -29.37 -8.63
N LEU A 76 13.07 -29.36 -9.32
CA LEU A 76 13.18 -28.60 -10.58
C LEU A 76 12.28 -29.21 -11.66
N LYS A 77 12.13 -30.53 -11.71
CA LYS A 77 11.21 -31.17 -12.69
C LYS A 77 9.78 -30.69 -12.45
N PHE A 78 9.36 -30.56 -11.20
CA PHE A 78 8.00 -30.10 -10.87
C PHE A 78 7.87 -28.61 -11.18
N VAL A 79 8.88 -27.80 -10.87
CA VAL A 79 8.84 -26.34 -11.21
C VAL A 79 8.86 -26.16 -12.76
N ARG A 80 9.56 -27.03 -13.50
CA ARG A 80 9.58 -26.97 -15.00
C ARG A 80 8.15 -26.97 -15.58
N ASP A 81 7.18 -27.57 -14.89
CA ASP A 81 5.77 -27.53 -15.35
C ASP A 81 5.29 -26.09 -15.58
N PHE A 82 5.82 -25.08 -14.90
CA PHE A 82 5.43 -23.67 -15.21
C PHE A 82 6.63 -22.82 -15.62
N ALA A 83 7.87 -23.23 -15.33
CA ALA A 83 9.11 -22.49 -15.72
C ALA A 83 9.65 -23.00 -17.06
N GLY A 84 9.15 -24.15 -17.53
CA GLY A 84 9.41 -24.67 -18.89
C GLY A 84 10.89 -24.85 -19.17
N ASP A 85 11.33 -24.52 -20.39
CA ASP A 85 12.76 -24.59 -20.72
C ASP A 85 13.36 -23.19 -20.63
N GLY A 86 12.95 -22.43 -19.61
CA GLY A 86 13.73 -21.24 -19.21
C GLY A 86 15.10 -21.65 -18.71
N LEU A 87 15.97 -20.68 -18.40
CA LEU A 87 17.40 -20.98 -18.14
C LEU A 87 17.57 -21.91 -16.93
N PHE A 88 16.75 -21.75 -15.89
CA PHE A 88 16.94 -22.43 -14.58
C PHE A 88 16.49 -23.90 -14.65
N THR A 89 15.52 -24.21 -15.48
CA THR A 89 14.86 -25.56 -15.52
C THR A 89 15.13 -26.28 -16.85
N SER A 90 16.13 -25.83 -17.61
N SER A 90 16.09 -25.83 -17.66
CA SER A 90 16.62 -26.44 -18.86
CA SER A 90 16.52 -26.50 -18.91
C SER A 90 17.80 -27.37 -18.58
C SER A 90 17.78 -27.33 -18.64
N TRP A 91 17.92 -28.45 -19.35
CA TRP A 91 19.17 -29.24 -19.41
C TRP A 91 20.17 -28.48 -20.28
N THR A 92 21.44 -28.63 -19.98
CA THR A 92 22.56 -27.95 -20.70
C THR A 92 22.48 -28.35 -22.18
N HIS A 93 22.00 -29.54 -22.51
CA HIS A 93 22.02 -30.08 -23.91
C HIS A 93 20.79 -29.65 -24.70
N GLU A 94 19.79 -29.02 -24.06
CA GLU A 94 18.60 -28.51 -24.77
C GLU A 94 19.03 -27.28 -25.56
N LYS A 95 18.62 -27.22 -26.83
CA LYS A 95 18.98 -26.09 -27.72
C LYS A 95 18.70 -24.75 -27.02
N ASN A 96 17.55 -24.63 -26.36
CA ASN A 96 17.13 -23.32 -25.79
C ASN A 96 17.99 -22.94 -24.59
N TRP A 97 18.76 -23.84 -23.99
CA TRP A 97 19.61 -23.41 -22.83
C TRP A 97 20.72 -22.51 -23.39
N LYS A 98 21.55 -23.02 -24.30
CA LYS A 98 22.75 -22.28 -24.76
C LYS A 98 22.28 -21.08 -25.57
N LYS A 99 21.17 -21.19 -26.26
CA LYS A 99 20.64 -20.06 -27.05
C LYS A 99 20.28 -18.90 -26.11
N ALA A 100 19.43 -19.14 -25.11
CA ALA A 100 18.99 -18.09 -24.17
C ALA A 100 20.19 -17.57 -23.39
N HIS A 101 21.11 -18.46 -23.03
CA HIS A 101 22.33 -18.12 -22.27
C HIS A 101 23.14 -17.11 -23.09
N ASN A 102 23.40 -17.41 -24.36
CA ASN A 102 24.20 -16.50 -25.21
C ASN A 102 23.47 -15.17 -25.37
N ILE A 103 22.15 -15.18 -25.53
CA ILE A 103 21.37 -13.92 -25.77
C ILE A 103 21.36 -13.09 -24.49
N LEU A 104 21.17 -13.72 -23.34
CA LEU A 104 20.91 -13.00 -22.04
C LEU A 104 22.18 -12.64 -21.25
N LEU A 105 23.32 -13.30 -21.45
CA LEU A 105 24.56 -13.00 -20.68
C LEU A 105 24.89 -11.51 -20.70
N PRO A 106 24.91 -10.80 -21.85
CA PRO A 106 25.24 -9.38 -21.83
C PRO A 106 24.22 -8.51 -21.08
N SER A 107 22.96 -8.95 -20.98
CA SER A 107 21.88 -8.29 -20.21
C SER A 107 22.13 -8.37 -18.71
N PHE A 108 23.01 -9.25 -18.26
CA PHE A 108 23.19 -9.58 -16.81
C PHE A 108 24.60 -9.27 -16.33
N SER A 109 25.40 -8.66 -17.19
CA SER A 109 26.83 -8.34 -16.90
C SER A 109 26.91 -7.18 -15.90
N GLN A 110 28.05 -7.01 -15.24
CA GLN A 110 28.34 -5.84 -14.35
C GLN A 110 28.04 -4.55 -15.13
N GLN A 111 28.53 -4.45 -16.37
CA GLN A 111 28.33 -3.27 -17.25
C GLN A 111 26.83 -2.98 -17.39
N ALA A 112 25.97 -4.01 -17.56
CA ALA A 112 24.52 -3.84 -17.74
C ALA A 112 23.90 -3.28 -16.45
N MET A 113 24.53 -3.49 -15.29
CA MET A 113 23.97 -2.98 -14.02
C MET A 113 23.94 -1.43 -14.07
N LYS A 114 24.79 -0.79 -14.87
CA LYS A 114 24.76 0.70 -14.96
C LYS A 114 23.39 1.12 -15.52
N GLY A 115 22.86 0.31 -16.43
CA GLY A 115 21.57 0.56 -17.09
C GLY A 115 20.39 0.33 -16.15
N TYR A 116 20.48 -0.67 -15.27
CA TYR A 116 19.33 -1.02 -14.38
C TYR A 116 19.30 -0.14 -13.14
N HIS A 117 20.42 0.46 -12.79
CA HIS A 117 20.60 1.21 -11.51
C HIS A 117 19.47 2.19 -11.23
N ALA A 118 19.09 3.04 -12.18
CA ALA A 118 18.06 4.08 -11.94
C ALA A 118 16.74 3.45 -11.48
N MET A 119 16.36 2.32 -12.10
N MET A 119 16.33 2.31 -12.04
CA MET A 119 15.12 1.55 -11.80
CA MET A 119 15.01 1.75 -11.63
C MET A 119 15.23 0.93 -10.40
C MET A 119 15.17 0.85 -10.38
N MET A 120 16.37 0.34 -10.07
CA MET A 120 16.62 -0.19 -8.70
C MET A 120 16.48 0.96 -7.69
N VAL A 121 17.04 2.13 -7.97
CA VAL A 121 16.96 3.27 -7.01
C VAL A 121 15.48 3.64 -6.81
N ASP A 122 14.67 3.58 -7.86
CA ASP A 122 13.24 3.94 -7.78
C ASP A 122 12.58 3.07 -6.70
N ILE A 123 12.76 1.75 -6.76
CA ILE A 123 12.14 0.83 -5.77
C ILE A 123 12.78 1.02 -4.39
N ALA A 124 14.11 1.08 -4.30
CA ALA A 124 14.86 1.29 -3.03
C ALA A 124 14.36 2.56 -2.32
N VAL A 125 14.19 3.66 -3.05
CA VAL A 125 13.65 4.92 -2.44
C VAL A 125 12.23 4.66 -1.92
N GLN A 126 11.39 3.91 -2.64
CA GLN A 126 10.03 3.53 -2.11
C GLN A 126 10.17 2.80 -0.77
N LEU A 127 11.13 1.88 -0.65
CA LEU A 127 11.33 1.17 0.64
C LEU A 127 11.72 2.17 1.73
N VAL A 128 12.70 3.04 1.48
CA VAL A 128 13.18 4.01 2.49
C VAL A 128 12.02 4.94 2.89
N GLN A 129 11.23 5.42 1.91
CA GLN A 129 10.06 6.27 2.21
C GLN A 129 9.02 5.52 3.03
N LYS A 130 8.77 4.23 2.77
CA LYS A 130 7.81 3.48 3.59
C LYS A 130 8.27 3.52 5.05
N TRP A 131 9.55 3.24 5.28
CA TRP A 131 10.08 3.11 6.67
C TRP A 131 10.14 4.50 7.33
N GLU A 132 10.45 5.54 6.59
CA GLU A 132 10.47 6.92 7.12
C GLU A 132 9.07 7.30 7.65
N ARG A 133 8.02 6.75 7.05
CA ARG A 133 6.62 7.16 7.27
C ARG A 133 5.97 6.28 8.33
N LEU A 134 6.69 5.32 8.90
CA LEU A 134 6.16 4.55 10.03
C LEU A 134 6.04 5.47 11.26
N ASN A 135 5.03 5.20 12.08
CA ASN A 135 4.81 5.88 13.37
C ASN A 135 5.74 5.23 14.41
N ALA A 136 5.98 5.93 15.52
CA ALA A 136 6.92 5.54 16.60
C ALA A 136 6.63 4.13 17.13
N ASP A 137 5.36 3.78 17.23
CA ASP A 137 4.88 2.51 17.86
C ASP A 137 4.98 1.31 16.89
N GLU A 138 5.50 1.49 15.68
CA GLU A 138 5.29 0.50 14.61
C GLU A 138 6.58 -0.26 14.36
N HIS A 139 6.47 -1.42 13.75
CA HIS A 139 7.64 -2.24 13.38
C HIS A 139 7.61 -2.58 11.89
N ILE A 140 8.73 -3.12 11.42
CA ILE A 140 8.97 -3.62 10.04
C ILE A 140 8.86 -5.14 10.03
N GLU A 141 8.07 -5.66 9.10
CA GLU A 141 8.01 -7.09 8.70
C GLU A 141 9.09 -7.28 7.64
N VAL A 142 10.26 -7.78 8.03
CA VAL A 142 11.49 -7.65 7.18
C VAL A 142 11.34 -8.46 5.90
N PRO A 143 11.14 -9.80 5.90
CA PRO A 143 11.02 -10.54 4.63
C PRO A 143 9.85 -10.06 3.74
N GLU A 144 8.77 -9.59 4.36
CA GLU A 144 7.59 -9.06 3.64
C GLU A 144 8.07 -7.84 2.86
N ASP A 145 8.72 -6.88 3.52
CA ASP A 145 9.15 -5.65 2.81
C ASP A 145 10.27 -5.96 1.81
N MET A 146 11.19 -6.88 2.14
CA MET A 146 12.31 -7.17 1.21
C MET A 146 11.73 -7.86 -0.04
N THR A 147 10.67 -8.65 0.12
CA THR A 147 10.01 -9.37 -1.00
C THR A 147 9.25 -8.35 -1.86
N ARG A 148 8.59 -7.36 -1.23
CA ARG A 148 7.95 -6.25 -1.96
C ARG A 148 9.00 -5.58 -2.84
N LEU A 149 10.17 -5.29 -2.25
CA LEU A 149 11.27 -4.62 -2.97
C LEU A 149 11.77 -5.48 -4.15
N THR A 150 12.21 -6.72 -3.91
CA THR A 150 12.92 -7.51 -4.96
C THR A 150 11.95 -7.83 -6.11
N LEU A 151 10.68 -8.10 -5.76
CA LEU A 151 9.67 -8.40 -6.80
C LEU A 151 9.49 -7.16 -7.67
N ASP A 152 9.42 -5.97 -7.06
CA ASP A 152 9.17 -4.72 -7.80
C ASP A 152 10.39 -4.41 -8.65
N THR A 153 11.60 -4.63 -8.13
CA THR A 153 12.82 -4.36 -8.89
C THR A 153 12.86 -5.21 -10.16
N ILE A 154 12.61 -6.51 -10.06
CA ILE A 154 12.66 -7.39 -11.28
C ILE A 154 11.50 -7.10 -12.24
N GLY A 155 10.32 -6.75 -11.74
CA GLY A 155 9.23 -6.33 -12.63
C GLY A 155 9.63 -5.12 -13.47
N LEU A 156 10.24 -4.13 -12.86
CA LEU A 156 10.59 -2.86 -13.53
C LEU A 156 11.77 -3.09 -14.48
N CYS A 157 12.89 -3.67 -14.02
CA CYS A 157 14.09 -3.95 -14.86
C CYS A 157 13.80 -5.06 -15.88
N GLY A 158 12.93 -6.01 -15.55
CA GLY A 158 12.57 -7.14 -16.41
C GLY A 158 11.72 -6.70 -17.61
N PHE A 159 10.55 -6.09 -17.36
CA PHE A 159 9.58 -5.78 -18.44
C PHE A 159 8.86 -4.44 -18.19
N ASN A 160 9.49 -3.52 -17.48
CA ASN A 160 8.94 -2.16 -17.31
C ASN A 160 7.52 -2.26 -16.73
N TYR A 161 7.28 -3.23 -15.88
CA TYR A 161 5.97 -3.43 -15.21
C TYR A 161 6.12 -3.06 -13.72
N ARG A 162 5.23 -2.23 -13.21
CA ARG A 162 5.13 -1.88 -11.76
C ARG A 162 4.16 -2.81 -11.03
N PHE A 163 4.68 -3.72 -10.23
CA PHE A 163 3.84 -4.52 -9.33
C PHE A 163 3.24 -3.60 -8.24
N ASN A 164 3.85 -2.45 -7.96
CA ASN A 164 3.39 -1.50 -6.91
C ASN A 164 3.15 -2.24 -5.58
N SER A 165 4.09 -3.10 -5.18
CA SER A 165 3.97 -3.94 -3.97
C SER A 165 3.86 -3.07 -2.71
N PHE A 166 4.46 -1.88 -2.71
CA PHE A 166 4.40 -0.97 -1.54
C PHE A 166 3.04 -0.31 -1.44
N TYR A 167 2.15 -0.48 -2.41
CA TYR A 167 0.78 0.12 -2.43
C TYR A 167 -0.25 -0.91 -1.99
N ARG A 168 0.20 -2.11 -1.56
CA ARG A 168 -0.67 -3.31 -1.37
C ARG A 168 -0.37 -4.04 -0.06
N ASP A 169 -1.46 -4.53 0.56
CA ASP A 169 -1.44 -5.57 1.61
C ASP A 169 -1.38 -6.92 0.91
N GLN A 170 -2.18 -7.12 -0.13
CA GLN A 170 -2.41 -8.45 -0.77
C GLN A 170 -1.73 -8.52 -2.13
N PRO A 171 -1.04 -9.64 -2.46
CA PRO A 171 -0.21 -9.69 -3.65
C PRO A 171 -1.00 -9.56 -4.95
N HIS A 172 -0.35 -9.09 -6.00
CA HIS A 172 -0.83 -9.17 -7.41
C HIS A 172 -1.31 -10.58 -7.72
N PRO A 173 -2.42 -10.75 -8.48
CA PRO A 173 -2.93 -12.07 -8.88
C PRO A 173 -1.90 -13.04 -9.48
N PHE A 174 -0.98 -12.55 -10.30
CA PHE A 174 0.17 -13.33 -10.84
C PHE A 174 0.89 -13.99 -9.67
N ILE A 175 1.20 -13.19 -8.62
CA ILE A 175 2.04 -13.61 -7.46
C ILE A 175 1.25 -14.66 -6.65
N THR A 176 -0.06 -14.51 -6.48
CA THR A 176 -0.87 -15.52 -5.74
CA THR A 176 -0.90 -15.51 -5.76
C THR A 176 -0.75 -16.87 -6.47
N SER A 177 -0.84 -16.89 -7.79
CA SER A 177 -0.75 -18.13 -8.59
C SER A 177 0.68 -18.65 -8.54
N MET A 178 1.67 -17.77 -8.62
CA MET A 178 3.09 -18.16 -8.65
C MET A 178 3.46 -18.81 -7.30
N VAL A 179 3.07 -18.19 -6.18
CA VAL A 179 3.37 -18.73 -4.83
C VAL A 179 2.66 -20.07 -4.63
N ARG A 180 1.40 -20.16 -5.05
CA ARG A 180 0.61 -21.39 -4.89
C ARG A 180 1.16 -22.50 -5.81
N ALA A 181 1.65 -22.16 -7.01
CA ALA A 181 2.25 -23.15 -7.93
C ALA A 181 3.54 -23.67 -7.31
N LEU A 182 4.36 -22.78 -6.76
CA LEU A 182 5.64 -23.18 -6.12
C LEU A 182 5.37 -24.07 -4.90
N ASP A 183 4.36 -23.74 -4.09
CA ASP A 183 4.07 -24.52 -2.86
C ASP A 183 3.65 -25.93 -3.31
N GLU A 184 2.83 -26.01 -4.35
CA GLU A 184 2.37 -27.32 -4.87
C GLU A 184 3.55 -28.15 -5.38
N ALA A 185 4.46 -27.56 -6.17
CA ALA A 185 5.69 -28.23 -6.63
C ALA A 185 6.48 -28.75 -5.44
N MET A 186 6.69 -27.93 -4.42
CA MET A 186 7.51 -28.33 -3.24
C MET A 186 6.73 -29.36 -2.42
N ASN A 187 5.41 -29.27 -2.27
CA ASN A 187 4.63 -30.23 -1.44
C ASN A 187 4.69 -31.62 -2.08
N LYS A 188 4.69 -31.68 -3.42
CA LYS A 188 4.70 -32.96 -4.18
C LYS A 188 5.94 -33.80 -3.82
N LEU A 189 7.06 -33.23 -3.37
CA LEU A 189 8.33 -33.99 -3.17
C LEU A 189 8.10 -35.16 -2.20
N GLN A 190 7.45 -34.88 -1.07
CA GLN A 190 7.33 -35.79 0.12
C GLN A 190 6.16 -36.76 -0.03
N ARG A 191 5.24 -36.51 -0.96
CA ARG A 191 4.05 -37.38 -1.23
C ARG A 191 4.52 -38.79 -1.61
N ALA A 192 4.38 -39.74 -0.70
CA ALA A 192 4.52 -41.19 -0.93
C ALA A 192 3.51 -41.68 -1.98
N ASN A 193 2.31 -41.10 -2.07
CA ASN A 193 1.21 -41.56 -2.99
C ASN A 193 0.58 -40.38 -3.72
N PRO A 194 1.22 -39.88 -4.81
CA PRO A 194 0.72 -38.73 -5.58
C PRO A 194 -0.46 -38.93 -6.55
N ASP A 195 -0.86 -40.16 -6.86
CA ASP A 195 -2.03 -40.45 -7.75
C ASP A 195 -3.33 -40.47 -6.92
N ASP A 196 -3.20 -40.48 -5.59
CA ASP A 196 -4.31 -40.39 -4.61
C ASP A 196 -5.28 -39.29 -5.05
N PRO A 197 -6.60 -39.57 -5.17
CA PRO A 197 -7.61 -38.54 -5.46
C PRO A 197 -7.74 -37.32 -4.53
N ALA A 198 -7.29 -37.41 -3.26
CA ALA A 198 -7.12 -36.27 -2.31
C ALA A 198 -6.44 -35.08 -3.01
N TYR A 199 -5.56 -35.38 -3.97
CA TYR A 199 -4.62 -34.45 -4.62
C TYR A 199 -5.21 -33.97 -5.96
N ASP A 200 -6.45 -34.35 -6.29
CA ASP A 200 -7.21 -33.89 -7.50
C ASP A 200 -7.49 -32.38 -7.43
N GLU A 201 -7.69 -31.83 -6.21
CA GLU A 201 -8.00 -30.39 -6.02
C GLU A 201 -6.71 -29.62 -6.34
N ASN A 202 -5.62 -30.05 -5.71
CA ASN A 202 -4.23 -29.58 -5.94
C ASN A 202 -3.95 -29.53 -7.45
N LYS A 203 -4.24 -30.60 -8.19
CA LYS A 203 -3.92 -30.72 -9.64
C LYS A 203 -4.79 -29.73 -10.43
N ARG A 204 -6.08 -29.61 -10.11
CA ARG A 204 -7.00 -28.67 -10.82
C ARG A 204 -6.52 -27.23 -10.58
N GLN A 205 -6.17 -26.92 -9.33
CA GLN A 205 -5.68 -25.60 -8.87
C GLN A 205 -4.34 -25.27 -9.55
N PHE A 206 -3.46 -26.26 -9.63
CA PHE A 206 -2.11 -26.14 -10.24
C PHE A 206 -2.27 -25.69 -11.69
N GLN A 207 -3.14 -26.34 -12.45
CA GLN A 207 -3.40 -26.05 -13.89
C GLN A 207 -3.97 -24.65 -14.01
N GLU A 208 -4.80 -24.22 -13.06
CA GLU A 208 -5.43 -22.88 -13.05
C GLU A 208 -4.34 -21.82 -12.80
N ASP A 209 -3.44 -22.07 -11.85
CA ASP A 209 -2.29 -21.16 -11.55
C ASP A 209 -1.32 -21.10 -12.74
N ILE A 210 -1.04 -22.22 -13.39
CA ILE A 210 -0.19 -22.22 -14.62
C ILE A 210 -0.86 -21.32 -15.66
N LYS A 211 -2.17 -21.49 -15.89
CA LYS A 211 -2.94 -20.68 -16.85
C LYS A 211 -2.81 -19.19 -16.51
N VAL A 212 -3.04 -18.79 -15.26
CA VAL A 212 -2.97 -17.37 -14.83
C VAL A 212 -1.58 -16.80 -15.19
N MET A 213 -0.52 -17.54 -14.85
CA MET A 213 0.88 -17.08 -15.05
C MET A 213 1.12 -16.89 -16.56
N ASN A 214 0.78 -17.89 -17.36
CA ASN A 214 0.99 -17.84 -18.83
C ASN A 214 0.20 -16.68 -19.41
N ASP A 215 -1.03 -16.47 -18.93
CA ASP A 215 -1.97 -15.48 -19.51
C ASP A 215 -1.40 -14.08 -19.27
N LEU A 216 -0.99 -13.67 -18.05
CA LEU A 216 -0.44 -12.30 -17.83
C LEU A 216 0.86 -12.13 -18.62
N VAL A 217 1.75 -13.13 -18.62
CA VAL A 217 3.10 -12.94 -19.22
C VAL A 217 2.94 -12.89 -20.75
N ASP A 218 2.16 -13.80 -21.32
CA ASP A 218 1.87 -13.84 -22.79
C ASP A 218 1.28 -12.47 -23.20
N LYS A 219 0.38 -11.92 -22.38
CA LYS A 219 -0.28 -10.61 -22.63
C LYS A 219 0.76 -9.51 -22.59
N ILE A 220 1.68 -9.55 -21.61
CA ILE A 220 2.76 -8.52 -21.53
C ILE A 220 3.66 -8.59 -22.77
N ILE A 221 3.99 -9.78 -23.26
CA ILE A 221 4.85 -9.91 -24.47
C ILE A 221 4.07 -9.35 -25.69
N ALA A 222 2.83 -9.80 -25.86
CA ALA A 222 1.95 -9.40 -26.98
C ALA A 222 1.78 -7.86 -26.97
N ASP A 223 1.49 -7.27 -25.80
CA ASP A 223 1.37 -5.80 -25.61
C ASP A 223 2.65 -5.09 -26.02
N ARG A 224 3.84 -5.61 -25.68
CA ARG A 224 5.12 -4.96 -26.04
C ARG A 224 5.35 -5.05 -27.55
N LYS A 225 5.10 -6.19 -28.18
CA LYS A 225 5.23 -6.36 -29.66
C LYS A 225 4.31 -5.36 -30.38
N ALA A 226 3.07 -5.22 -29.93
CA ALA A 226 2.04 -4.29 -30.46
C ALA A 226 2.48 -2.81 -30.37
N SER A 227 3.02 -2.36 -29.23
CA SER A 227 3.37 -0.94 -28.98
C SER A 227 4.61 -0.54 -29.79
N GLY A 228 5.54 -1.48 -30.02
CA GLY A 228 6.84 -1.25 -30.69
C GLY A 228 7.85 -0.54 -29.79
N GLU A 229 7.53 -0.35 -28.51
CA GLU A 229 8.32 0.50 -27.59
C GLU A 229 9.66 -0.19 -27.32
N GLN A 230 10.76 0.56 -27.24
CA GLN A 230 12.14 0.01 -27.16
C GLN A 230 12.74 0.25 -25.77
N SER A 231 11.98 0.10 -24.68
CA SER A 231 12.49 0.31 -23.30
C SER A 231 13.70 -0.59 -23.04
N ASP A 232 14.68 -0.10 -22.28
CA ASP A 232 15.93 -0.83 -21.92
C ASP A 232 15.63 -1.77 -20.75
N ASP A 233 14.93 -2.86 -21.06
CA ASP A 233 14.59 -3.91 -20.08
C ASP A 233 14.89 -5.27 -20.72
N LEU A 234 14.79 -6.34 -19.92
CA LEU A 234 15.14 -7.68 -20.41
C LEU A 234 14.20 -8.07 -21.53
N LEU A 235 12.94 -7.63 -21.50
CA LEU A 235 11.96 -8.05 -22.52
C LEU A 235 12.38 -7.49 -23.88
N THR A 236 12.80 -6.23 -23.93
CA THR A 236 13.31 -5.63 -25.18
C THR A 236 14.51 -6.46 -25.71
N HIS A 237 15.51 -6.73 -24.86
CA HIS A 237 16.75 -7.50 -25.19
C HIS A 237 16.36 -8.87 -25.76
N MET A 238 15.32 -9.50 -25.22
CA MET A 238 14.86 -10.85 -25.66
C MET A 238 14.06 -10.75 -27.00
N LEU A 239 13.27 -9.69 -27.20
CA LEU A 239 12.54 -9.53 -28.49
C LEU A 239 13.53 -9.16 -29.61
N ASN A 240 14.62 -8.45 -29.34
CA ASN A 240 15.55 -7.98 -30.39
C ASN A 240 16.79 -8.88 -30.52
N GLY A 241 17.14 -9.65 -29.50
CA GLY A 241 18.46 -10.30 -29.39
C GLY A 241 18.55 -11.51 -30.31
N LYS A 242 19.74 -11.77 -30.86
CA LYS A 242 19.97 -12.99 -31.66
C LYS A 242 21.18 -13.71 -31.07
N ASP A 243 21.06 -15.02 -30.97
CA ASP A 243 22.16 -15.90 -30.51
C ASP A 243 23.22 -15.91 -31.58
N PRO A 244 24.49 -15.50 -31.32
CA PRO A 244 25.54 -15.58 -32.34
C PRO A 244 25.78 -16.98 -32.92
N GLU A 245 25.46 -18.04 -32.19
CA GLU A 245 25.76 -19.42 -32.62
C GLU A 245 24.70 -19.84 -33.65
N THR A 246 23.44 -19.97 -33.23
CA THR A 246 22.30 -20.37 -34.12
C THR A 246 21.90 -19.23 -35.04
N GLY A 247 22.16 -17.96 -34.66
CA GLY A 247 21.68 -16.76 -35.38
C GLY A 247 20.21 -16.53 -35.13
N GLU A 248 19.57 -17.32 -34.25
CA GLU A 248 18.11 -17.22 -33.98
C GLU A 248 17.83 -16.35 -32.76
N PRO A 249 16.67 -15.67 -32.73
CA PRO A 249 16.14 -15.10 -31.49
C PRO A 249 15.37 -16.16 -30.70
N LEU A 250 15.08 -15.86 -29.44
CA LEU A 250 14.14 -16.66 -28.62
C LEU A 250 12.74 -16.49 -29.20
N ASP A 251 11.95 -17.57 -29.25
CA ASP A 251 10.51 -17.50 -29.60
C ASP A 251 9.70 -17.05 -28.37
N ASP A 252 8.42 -16.69 -28.57
CA ASP A 252 7.60 -16.00 -27.54
C ASP A 252 7.33 -16.95 -26.36
N GLU A 253 7.20 -18.24 -26.63
CA GLU A 253 6.97 -19.24 -25.56
C GLU A 253 8.22 -19.26 -24.64
N ASN A 254 9.41 -19.33 -25.21
CA ASN A 254 10.63 -19.37 -24.36
C ASN A 254 10.79 -18.04 -23.60
N ILE A 255 10.47 -16.91 -24.23
CA ILE A 255 10.55 -15.58 -23.56
C ILE A 255 9.64 -15.61 -22.33
N ARG A 256 8.41 -16.15 -22.48
CA ARG A 256 7.48 -16.31 -21.36
C ARG A 256 8.13 -17.16 -20.26
N TYR A 257 8.77 -18.27 -20.58
CA TYR A 257 9.42 -19.07 -19.51
C TYR A 257 10.55 -18.27 -18.85
N GLN A 258 11.30 -17.46 -19.60
CA GLN A 258 12.39 -16.67 -19.02
C GLN A 258 11.81 -15.64 -18.02
N ILE A 259 10.76 -14.93 -18.42
CA ILE A 259 10.13 -13.90 -17.54
C ILE A 259 9.56 -14.59 -16.30
N ILE A 260 8.89 -15.72 -16.45
CA ILE A 260 8.36 -16.44 -15.25
C ILE A 260 9.54 -16.80 -14.33
N THR A 261 10.63 -17.31 -14.91
CA THR A 261 11.84 -17.69 -14.15
C THR A 261 12.39 -16.47 -13.39
N PHE A 262 12.51 -15.33 -14.06
CA PHE A 262 13.10 -14.10 -13.45
C PHE A 262 12.20 -13.59 -12.35
N LEU A 263 10.87 -13.65 -12.51
CA LEU A 263 9.94 -13.20 -11.45
C LEU A 263 10.03 -14.10 -10.22
N ILE A 264 10.10 -15.42 -10.41
CA ILE A 264 10.27 -16.32 -9.24
C ILE A 264 11.61 -15.98 -8.55
N ALA A 265 12.70 -15.85 -9.31
CA ALA A 265 14.05 -15.61 -8.73
C ALA A 265 14.02 -14.32 -7.90
N GLY A 266 13.47 -13.25 -8.44
CA GLY A 266 13.43 -11.94 -7.76
C GLY A 266 12.64 -12.00 -6.46
N HIS A 267 11.43 -12.57 -6.56
CA HIS A 267 10.54 -12.79 -5.39
C HIS A 267 11.23 -13.63 -4.33
N GLU A 268 11.95 -14.69 -4.73
CA GLU A 268 12.32 -15.79 -3.77
C GLU A 268 13.74 -15.67 -3.19
N THR A 269 14.69 -15.05 -3.92
N THR A 269 14.68 -15.03 -3.90
CA THR A 269 16.15 -15.20 -3.65
CA THR A 269 16.13 -15.25 -3.64
C THR A 269 16.69 -13.95 -2.97
C THR A 269 16.77 -14.00 -3.02
N THR A 270 16.77 -12.85 -3.71
CA THR A 270 17.44 -11.63 -3.21
C THR A 270 16.76 -11.18 -1.92
N SER A 271 15.44 -11.35 -1.82
CA SER A 271 14.68 -10.93 -0.61
C SER A 271 15.16 -11.70 0.61
N GLY A 272 15.40 -13.00 0.45
CA GLY A 272 16.00 -13.85 1.51
C GLY A 272 17.37 -13.34 1.95
N LEU A 273 18.27 -13.11 1.00
CA LEU A 273 19.62 -12.58 1.30
C LEU A 273 19.50 -11.30 2.13
N LEU A 274 18.72 -10.33 1.68
CA LEU A 274 18.60 -9.03 2.40
C LEU A 274 18.04 -9.28 3.80
N SER A 275 17.05 -10.18 3.93
CA SER A 275 16.44 -10.50 5.24
C SER A 275 17.49 -11.11 6.15
N PHE A 276 18.25 -12.10 5.68
CA PHE A 276 19.33 -12.73 6.51
C PHE A 276 20.41 -11.71 6.86
N ALA A 277 20.75 -10.85 5.92
CA ALA A 277 21.78 -9.82 6.17
C ALA A 277 21.31 -8.92 7.30
N LEU A 278 20.07 -8.43 7.25
CA LEU A 278 19.60 -7.52 8.32
C LEU A 278 19.54 -8.30 9.64
N TYR A 279 19.11 -9.56 9.62
CA TYR A 279 19.12 -10.41 10.83
C TYR A 279 20.53 -10.42 11.45
N PHE A 280 21.53 -10.81 10.67
CA PHE A 280 22.90 -10.92 11.22
C PHE A 280 23.40 -9.53 11.72
N LEU A 281 23.06 -8.45 11.01
CA LEU A 281 23.49 -7.10 11.44
C LEU A 281 22.89 -6.76 12.81
N VAL A 282 21.60 -6.99 13.04
CA VAL A 282 20.98 -6.62 14.33
C VAL A 282 21.51 -7.56 15.43
N LYS A 283 21.94 -8.80 15.11
CA LYS A 283 22.48 -9.74 16.12
C LYS A 283 23.96 -9.45 16.40
N ASN A 284 24.61 -8.60 15.59
CA ASN A 284 26.08 -8.34 15.67
C ASN A 284 26.32 -6.85 15.53
N PRO A 285 25.98 -6.07 16.59
CA PRO A 285 26.05 -4.61 16.54
C PRO A 285 27.41 -4.02 16.12
N HIS A 286 28.55 -4.68 16.40
CA HIS A 286 29.89 -4.20 15.93
C HIS A 286 29.90 -4.18 14.41
N VAL A 287 29.39 -5.25 13.80
CA VAL A 287 29.33 -5.37 12.32
C VAL A 287 28.37 -4.28 11.78
N LEU A 288 27.19 -4.13 12.39
N LEU A 288 27.19 -4.11 12.36
CA LEU A 288 26.18 -3.11 11.98
CA LEU A 288 26.22 -3.09 11.89
C LEU A 288 26.85 -1.73 11.99
C LEU A 288 26.92 -1.72 11.94
N GLN A 289 27.60 -1.43 13.04
CA GLN A 289 28.26 -0.11 13.19
C GLN A 289 29.26 0.09 12.04
N LYS A 290 30.08 -0.93 11.74
CA LYS A 290 31.14 -0.85 10.71
C LYS A 290 30.47 -0.66 9.32
N ALA A 291 29.40 -1.40 9.06
CA ALA A 291 28.64 -1.29 7.80
C ALA A 291 27.96 0.08 7.69
N ALA A 292 27.41 0.62 8.78
CA ALA A 292 26.73 1.94 8.78
C ALA A 292 27.75 3.08 8.61
N GLU A 293 28.96 2.98 9.17
CA GLU A 293 30.05 3.99 8.93
CA GLU A 293 30.05 3.98 8.92
C GLU A 293 30.35 4.03 7.42
N GLU A 294 30.48 2.86 6.79
CA GLU A 294 30.79 2.85 5.34
C GLU A 294 29.63 3.48 4.58
N ALA A 295 28.39 3.09 4.87
CA ALA A 295 27.23 3.62 4.11
C ALA A 295 27.22 5.15 4.22
N ALA A 296 27.42 5.69 5.43
CA ALA A 296 27.42 7.17 5.69
C ALA A 296 28.57 7.83 4.93
N ARG A 297 29.75 7.24 4.92
CA ARG A 297 30.92 7.85 4.23
C ARG A 297 30.75 7.80 2.71
N VAL A 298 30.18 6.72 2.18
CA VAL A 298 30.18 6.52 0.71
C VAL A 298 28.96 7.19 0.07
N LEU A 299 27.81 7.08 0.70
CA LEU A 299 26.52 7.47 0.03
C LEU A 299 26.22 8.92 0.41
N VAL A 300 27.01 9.83 -0.13
CA VAL A 300 27.03 11.27 0.25
C VAL A 300 25.93 12.03 -0.49
N ASP A 301 25.21 11.42 -1.43
CA ASP A 301 24.21 12.14 -2.26
C ASP A 301 22.83 11.59 -1.91
N PRO A 302 21.74 12.36 -2.10
CA PRO A 302 20.41 11.85 -1.74
C PRO A 302 20.00 10.60 -2.54
N VAL A 303 20.50 10.49 -3.77
CA VAL A 303 20.30 9.32 -4.67
C VAL A 303 21.65 8.61 -4.82
N PRO A 304 21.81 7.33 -4.45
CA PRO A 304 23.07 6.66 -4.73
C PRO A 304 23.30 6.51 -6.24
N SER A 305 24.55 6.72 -6.64
CA SER A 305 25.05 6.46 -8.00
C SER A 305 25.56 5.01 -8.11
N TYR A 306 25.66 4.50 -9.33
CA TYR A 306 26.28 3.19 -9.62
C TYR A 306 27.68 3.12 -9.00
N LYS A 307 28.51 4.15 -9.19
CA LYS A 307 29.93 4.18 -8.73
C LYS A 307 29.97 4.10 -7.21
N GLN A 308 29.05 4.77 -6.54
CA GLN A 308 28.97 4.76 -5.05
C GLN A 308 28.65 3.34 -4.57
N VAL A 309 27.69 2.67 -5.19
CA VAL A 309 27.33 1.28 -4.76
C VAL A 309 28.58 0.39 -4.88
N LYS A 310 29.39 0.55 -5.93
CA LYS A 310 30.64 -0.27 -6.13
C LYS A 310 31.63 0.01 -5.01
N GLN A 311 31.56 1.13 -4.31
CA GLN A 311 32.53 1.46 -3.24
C GLN A 311 32.08 0.84 -1.91
N LEU A 312 30.88 0.28 -1.83
CA LEU A 312 30.39 -0.28 -0.54
C LEU A 312 31.05 -1.66 -0.28
N LYS A 313 32.35 -1.71 -0.04
CA LYS A 313 33.10 -3.00 0.06
C LYS A 313 32.63 -3.79 1.28
N TYR A 314 32.54 -3.13 2.44
CA TYR A 314 32.14 -3.81 3.70
C TYR A 314 30.70 -4.28 3.59
N VAL A 315 29.82 -3.50 2.94
CA VAL A 315 28.42 -3.97 2.76
C VAL A 315 28.44 -5.26 1.89
N GLY A 316 29.26 -5.29 0.85
CA GLY A 316 29.46 -6.54 0.07
C GLY A 316 29.93 -7.71 0.93
N MET A 317 30.82 -7.45 1.88
CA MET A 317 31.35 -8.53 2.76
C MET A 317 30.23 -9.02 3.68
N VAL A 318 29.40 -8.12 4.19
CA VAL A 318 28.22 -8.50 5.01
C VAL A 318 27.35 -9.44 4.15
N LEU A 319 27.09 -9.10 2.90
CA LEU A 319 26.19 -9.93 2.05
C LEU A 319 26.85 -11.30 1.83
N ASN A 320 28.15 -11.33 1.58
CA ASN A 320 28.84 -12.63 1.33
C ASN A 320 28.81 -13.49 2.60
N GLU A 321 28.96 -12.90 3.77
CA GLU A 321 28.94 -13.66 5.05
C GLU A 321 27.52 -14.19 5.34
N ALA A 322 26.48 -13.44 4.98
CA ALA A 322 25.08 -13.92 5.06
C ALA A 322 24.90 -15.07 4.08
N LEU A 323 25.43 -14.96 2.86
CA LEU A 323 25.35 -16.05 1.86
C LEU A 323 26.16 -17.25 2.34
N ARG A 324 27.22 -17.02 3.11
CA ARG A 324 28.03 -18.17 3.58
C ARG A 324 27.15 -18.98 4.53
N LEU A 325 26.59 -18.32 5.54
CA LEU A 325 25.81 -19.08 6.56
C LEU A 325 24.47 -19.56 6.04
N TRP A 326 23.74 -18.77 5.25
CA TRP A 326 22.38 -19.13 4.81
C TRP A 326 22.29 -18.83 3.34
N PRO A 327 22.99 -19.61 2.47
CA PRO A 327 22.92 -19.42 1.02
C PRO A 327 21.45 -19.62 0.65
N THR A 328 20.87 -18.60 0.03
N THR A 328 20.81 -18.61 0.07
CA THR A 328 19.41 -18.42 -0.12
CA THR A 328 19.33 -18.56 0.05
C THR A 328 18.83 -19.55 -0.95
C THR A 328 18.77 -19.51 -1.02
N ALA A 329 19.59 -20.01 -1.94
CA ALA A 329 19.24 -21.13 -2.85
C ALA A 329 20.18 -22.28 -2.49
N PRO A 330 19.84 -23.08 -1.47
CA PRO A 330 20.87 -23.82 -0.73
C PRO A 330 21.42 -25.14 -1.30
N ALA A 331 20.86 -25.63 -2.41
CA ALA A 331 21.26 -26.95 -2.94
C ALA A 331 21.14 -26.92 -4.46
N PHE A 332 22.10 -27.52 -5.13
CA PHE A 332 22.01 -27.82 -6.58
C PHE A 332 22.41 -29.27 -6.83
N SER A 333 21.99 -29.76 -8.00
CA SER A 333 22.03 -31.17 -8.41
C SER A 333 22.94 -31.35 -9.62
N LEU A 334 23.71 -32.44 -9.63
CA LEU A 334 24.68 -32.77 -10.70
C LEU A 334 24.49 -34.24 -11.07
N TYR A 335 24.91 -34.61 -12.29
CA TYR A 335 24.97 -36.02 -12.74
C TYR A 335 26.35 -36.26 -13.32
N ALA A 336 26.83 -37.51 -13.20
CA ALA A 336 28.12 -37.95 -13.75
C ALA A 336 27.95 -38.11 -15.27
N LYS A 337 28.78 -37.40 -16.03
CA LYS A 337 28.79 -37.45 -17.52
C LYS A 337 29.32 -38.82 -17.95
N GLU A 338 30.25 -39.39 -17.20
CA GLU A 338 30.81 -40.74 -17.46
C GLU A 338 31.05 -41.46 -16.12
N ASP A 339 31.25 -42.78 -16.15
CA ASP A 339 31.82 -43.52 -15.00
C ASP A 339 33.02 -42.72 -14.46
N THR A 340 33.12 -42.56 -13.14
CA THR A 340 34.18 -41.76 -12.53
C THR A 340 34.29 -42.20 -11.06
N VAL A 341 35.38 -41.85 -10.42
CA VAL A 341 35.62 -42.15 -8.99
C VAL A 341 35.67 -40.80 -8.28
N LEU A 342 34.75 -40.58 -7.35
CA LEU A 342 34.71 -39.34 -6.54
C LEU A 342 35.64 -39.51 -5.33
N GLY A 343 36.63 -38.62 -5.22
CA GLY A 343 37.47 -38.45 -4.02
C GLY A 343 38.39 -39.64 -3.80
N GLY A 344 38.65 -40.41 -4.86
CA GLY A 344 39.43 -41.66 -4.83
C GLY A 344 38.77 -42.77 -4.02
N GLU A 345 37.48 -42.65 -3.70
CA GLU A 345 36.83 -43.51 -2.67
C GLU A 345 35.44 -43.98 -3.10
N TYR A 346 34.70 -43.20 -3.90
CA TYR A 346 33.27 -43.45 -4.19
C TYR A 346 33.07 -43.59 -5.70
N PRO A 347 33.03 -44.84 -6.22
CA PRO A 347 32.86 -45.05 -7.65
C PRO A 347 31.44 -44.67 -8.06
N LEU A 348 31.32 -43.92 -9.16
CA LEU A 348 30.01 -43.51 -9.71
C LEU A 348 29.87 -44.07 -11.13
N GLU A 349 28.65 -44.39 -11.53
CA GLU A 349 28.34 -44.74 -12.92
C GLU A 349 27.83 -43.49 -13.64
N LYS A 350 28.07 -43.43 -14.95
CA LYS A 350 27.41 -42.46 -15.86
C LYS A 350 25.93 -42.32 -15.46
N GLY A 351 25.47 -41.10 -15.24
CA GLY A 351 24.06 -40.80 -14.91
C GLY A 351 23.82 -40.67 -13.41
N ASP A 352 24.75 -41.10 -12.57
CA ASP A 352 24.58 -41.08 -11.09
C ASP A 352 24.45 -39.61 -10.62
N GLU A 353 23.56 -39.38 -9.68
CA GLU A 353 23.20 -38.01 -9.23
CA GLU A 353 23.20 -38.01 -9.23
C GLU A 353 23.96 -37.63 -7.95
N LEU A 354 24.33 -36.36 -7.82
CA LEU A 354 24.91 -35.74 -6.61
C LEU A 354 24.06 -34.53 -6.26
N MET A 355 23.91 -34.28 -4.95
CA MET A 355 23.35 -33.01 -4.45
C MET A 355 24.47 -32.29 -3.68
N VAL A 356 24.64 -31.00 -3.94
CA VAL A 356 25.61 -30.14 -3.22
C VAL A 356 24.82 -29.40 -2.15
N LEU A 357 25.17 -29.63 -0.89
CA LEU A 357 24.48 -29.01 0.26
C LEU A 357 25.26 -27.76 0.63
N ILE A 358 24.90 -26.63 0.02
CA ILE A 358 25.75 -25.42 0.08
C ILE A 358 25.93 -24.97 1.53
N PRO A 359 24.91 -24.94 2.41
CA PRO A 359 25.15 -24.50 3.80
C PRO A 359 26.23 -25.31 4.49
N GLN A 360 26.35 -26.59 4.11
CA GLN A 360 27.32 -27.50 4.77
C GLN A 360 28.70 -27.24 4.20
N LEU A 361 28.80 -27.04 2.90
CA LEU A 361 30.06 -26.66 2.26
C LEU A 361 30.59 -25.42 2.98
N HIS A 362 29.70 -24.47 3.23
CA HIS A 362 30.04 -23.17 3.87
C HIS A 362 30.38 -23.32 5.36
N ARG A 363 30.28 -24.54 5.91
CA ARG A 363 30.60 -24.80 7.33
C ARG A 363 31.75 -25.80 7.44
N ASP A 364 32.44 -26.06 6.35
CA ASP A 364 33.61 -26.97 6.30
C ASP A 364 34.74 -26.35 7.14
N LYS A 365 34.96 -26.84 8.36
CA LYS A 365 35.96 -26.28 9.29
C LYS A 365 37.38 -26.39 8.72
N THR A 366 37.64 -27.32 7.79
CA THR A 366 39.00 -27.47 7.21
C THR A 366 39.28 -26.26 6.33
N ILE A 367 38.23 -25.50 5.97
CA ILE A 367 38.36 -24.33 5.06
C ILE A 367 38.25 -23.05 5.88
N TRP A 368 37.26 -22.93 6.74
CA TRP A 368 36.89 -21.63 7.36
C TRP A 368 37.43 -21.52 8.78
N GLY A 369 37.92 -22.60 9.39
CA GLY A 369 38.39 -22.65 10.80
C GLY A 369 37.29 -23.12 11.73
N ASP A 370 37.53 -23.11 13.03
CA ASP A 370 36.59 -23.67 14.03
C ASP A 370 35.40 -22.73 14.26
N ASP A 371 35.51 -21.44 13.94
CA ASP A 371 34.50 -20.41 14.29
C ASP A 371 33.38 -20.32 13.21
N VAL A 372 33.03 -21.43 12.54
CA VAL A 372 32.24 -21.37 11.26
C VAL A 372 30.85 -20.79 11.52
N GLU A 373 30.30 -20.92 12.74
CA GLU A 373 28.93 -20.47 13.04
C GLU A 373 28.89 -18.96 13.31
N GLU A 374 30.05 -18.30 13.44
CA GLU A 374 30.13 -16.88 13.82
C GLU A 374 29.97 -16.05 12.54
N PHE A 375 29.27 -14.93 12.66
CA PHE A 375 29.06 -13.96 11.56
C PHE A 375 30.24 -13.00 11.59
N ARG A 376 31.19 -13.17 10.65
CA ARG A 376 32.45 -12.40 10.59
CA ARG A 376 32.44 -12.37 10.59
C ARG A 376 32.70 -11.96 9.14
N PRO A 377 32.15 -10.82 8.69
CA PRO A 377 32.34 -10.40 7.30
C PRO A 377 33.81 -10.25 6.93
N GLU A 378 34.65 -10.02 7.94
CA GLU A 378 36.12 -9.83 7.75
C GLU A 378 36.72 -11.09 7.11
N ARG A 379 36.07 -12.26 7.20
CA ARG A 379 36.54 -13.47 6.47
C ARG A 379 36.67 -13.15 4.98
N PHE A 380 35.90 -12.18 4.49
CA PHE A 380 35.80 -11.85 3.03
C PHE A 380 36.64 -10.62 2.70
N GLU A 381 37.49 -10.16 3.63
CA GLU A 381 38.25 -8.89 3.43
C GLU A 381 39.19 -9.07 2.24
N ASN A 382 39.66 -10.29 1.98
CA ASN A 382 40.57 -10.61 0.87
C ASN A 382 40.03 -11.80 0.09
N PRO A 383 39.33 -11.60 -1.04
CA PRO A 383 38.67 -12.71 -1.72
C PRO A 383 39.68 -13.78 -2.18
N SER A 384 40.93 -13.37 -2.39
CA SER A 384 42.03 -14.26 -2.87
C SER A 384 42.31 -15.37 -1.85
N ALA A 385 41.95 -15.17 -0.58
CA ALA A 385 42.20 -16.12 0.53
C ALA A 385 41.10 -17.21 0.55
N ILE A 386 40.04 -17.08 -0.24
CA ILE A 386 38.99 -18.13 -0.24
C ILE A 386 39.35 -19.15 -1.31
N PRO A 387 39.58 -20.44 -0.96
CA PRO A 387 39.92 -21.44 -1.97
C PRO A 387 38.86 -21.59 -3.05
N GLN A 388 39.27 -22.05 -4.22
CA GLN A 388 38.36 -22.44 -5.33
C GLN A 388 37.29 -23.37 -4.78
N HIS A 389 36.04 -23.14 -5.14
CA HIS A 389 34.87 -24.00 -4.84
C HIS A 389 34.63 -24.13 -3.33
N ALA A 390 35.16 -23.25 -2.50
CA ALA A 390 34.83 -23.26 -1.04
C ALA A 390 33.54 -22.47 -0.80
N PHE A 391 33.19 -21.56 -1.71
CA PHE A 391 32.10 -20.59 -1.52
C PHE A 391 31.26 -20.59 -2.78
N LYS A 392 30.04 -21.14 -2.75
CA LYS A 392 29.28 -21.39 -3.99
C LYS A 392 27.82 -20.98 -3.87
N PRO A 393 27.50 -19.80 -3.32
CA PRO A 393 26.11 -19.40 -3.17
C PRO A 393 25.40 -19.20 -4.51
N PHE A 394 26.14 -19.03 -5.60
CA PHE A 394 25.56 -18.78 -6.96
C PHE A 394 25.74 -20.01 -7.85
N GLY A 395 26.03 -21.18 -7.25
CA GLY A 395 26.24 -22.41 -8.03
C GLY A 395 27.55 -22.44 -8.76
N ASN A 396 27.57 -23.11 -9.90
CA ASN A 396 28.85 -23.55 -10.49
C ASN A 396 28.87 -23.42 -12.02
N GLY A 397 30.00 -22.88 -12.53
CA GLY A 397 30.40 -22.98 -13.94
C GLY A 397 29.39 -22.33 -14.88
N GLN A 398 29.16 -22.91 -16.04
CA GLN A 398 28.29 -22.26 -17.05
C GLN A 398 26.84 -22.27 -16.55
N ARG A 399 26.50 -23.15 -15.57
CA ARG A 399 25.13 -23.24 -14.99
C ARG A 399 25.05 -22.43 -13.69
N ALA A 400 26.01 -21.53 -13.42
CA ALA A 400 25.95 -20.65 -12.23
C ALA A 400 24.85 -19.60 -12.46
N CYS A 401 24.48 -18.92 -11.39
CA CYS A 401 23.42 -17.91 -11.39
C CYS A 401 23.68 -16.81 -12.43
N ILE A 402 22.81 -16.69 -13.42
CA ILE A 402 22.97 -15.58 -14.41
C ILE A 402 22.68 -14.25 -13.70
N GLY A 403 21.90 -14.29 -12.63
CA GLY A 403 21.40 -13.13 -11.89
C GLY A 403 22.39 -12.57 -10.87
N GLN A 404 23.63 -13.07 -10.80
CA GLN A 404 24.48 -12.84 -9.60
C GLN A 404 24.80 -11.33 -9.48
N GLN A 405 25.20 -10.71 -10.57
CA GLN A 405 25.58 -9.26 -10.57
C GLN A 405 24.34 -8.44 -10.22
N PHE A 406 23.20 -8.77 -10.83
CA PHE A 406 21.91 -8.10 -10.58
C PHE A 406 21.58 -8.21 -9.08
N ALA A 407 21.60 -9.42 -8.52
CA ALA A 407 21.21 -9.65 -7.10
C ALA A 407 22.14 -8.87 -6.16
N LEU A 408 23.44 -8.94 -6.38
CA LEU A 408 24.42 -8.26 -5.50
C LEU A 408 24.34 -6.73 -5.67
N HIS A 409 24.10 -6.23 -6.88
CA HIS A 409 23.95 -4.79 -7.07
C HIS A 409 22.74 -4.29 -6.29
N GLU A 410 21.58 -4.89 -6.51
CA GLU A 410 20.33 -4.52 -5.79
C GLU A 410 20.56 -4.63 -4.27
N ALA A 411 21.10 -5.77 -3.79
CA ALA A 411 21.25 -6.02 -2.35
C ALA A 411 22.23 -5.01 -1.72
N THR A 412 23.32 -4.68 -2.41
CA THR A 412 24.31 -3.71 -1.90
C THR A 412 23.67 -2.31 -1.87
N LEU A 413 22.99 -1.90 -2.93
CA LEU A 413 22.35 -0.56 -2.97
C LEU A 413 21.38 -0.45 -1.79
N VAL A 414 20.46 -1.40 -1.68
CA VAL A 414 19.34 -1.35 -0.70
C VAL A 414 19.88 -1.40 0.73
N LEU A 415 20.83 -2.32 0.98
CA LEU A 415 21.39 -2.43 2.34
C LEU A 415 22.17 -1.15 2.64
N GLY A 416 22.95 -0.62 1.69
CA GLY A 416 23.62 0.68 1.85
C GLY A 416 22.62 1.76 2.27
N MET A 417 21.51 1.90 1.54
CA MET A 417 20.53 2.96 1.85
C MET A 417 19.88 2.70 3.22
N MET A 418 19.50 1.47 3.53
CA MET A 418 18.93 1.15 4.86
C MET A 418 19.89 1.62 5.98
N LEU A 419 21.18 1.28 5.87
CA LEU A 419 22.20 1.61 6.90
C LEU A 419 22.45 3.11 6.96
N LYS A 420 22.35 3.80 5.83
CA LYS A 420 22.52 5.28 5.81
C LYS A 420 21.35 5.92 6.54
N HIS A 421 20.12 5.43 6.33
CA HIS A 421 18.91 6.20 6.68
C HIS A 421 18.38 5.87 8.08
N PHE A 422 18.68 4.70 8.61
CA PHE A 422 18.08 4.21 9.86
C PHE A 422 19.12 3.57 10.77
N ASP A 423 18.86 3.70 12.09
CA ASP A 423 19.34 2.74 13.13
C ASP A 423 18.27 1.67 13.27
N PHE A 424 18.66 0.47 13.69
CA PHE A 424 17.78 -0.71 13.78
C PHE A 424 17.82 -1.31 15.18
N GLU A 425 16.66 -1.77 15.65
CA GLU A 425 16.47 -2.44 16.95
C GLU A 425 15.84 -3.83 16.75
N ASP A 426 16.47 -4.87 17.29
CA ASP A 426 15.93 -6.23 17.44
C ASP A 426 15.01 -6.20 18.68
N HIS A 427 13.86 -5.54 18.56
CA HIS A 427 12.99 -5.19 19.71
C HIS A 427 12.34 -6.44 20.30
N THR A 428 12.20 -7.54 19.56
CA THR A 428 11.58 -8.80 20.06
C THR A 428 12.64 -9.84 20.44
N ASN A 429 13.94 -9.55 20.30
CA ASN A 429 14.99 -10.58 20.49
C ASN A 429 14.61 -11.80 19.63
N TYR A 430 14.47 -11.57 18.33
CA TYR A 430 13.87 -12.54 17.37
C TYR A 430 14.68 -13.83 17.37
N GLU A 431 13.99 -14.96 17.48
CA GLU A 431 14.62 -16.29 17.39
C GLU A 431 14.51 -16.77 15.94
N LEU A 432 15.64 -17.07 15.32
CA LEU A 432 15.68 -17.39 13.88
C LEU A 432 14.76 -18.57 13.60
N ASP A 433 13.84 -18.40 12.68
CA ASP A 433 12.94 -19.47 12.19
C ASP A 433 12.97 -19.43 10.66
N ILE A 434 13.55 -20.46 10.04
CA ILE A 434 13.86 -20.38 8.59
C ILE A 434 12.80 -21.14 7.83
N LYS A 435 12.01 -20.39 7.04
CA LYS A 435 10.94 -20.95 6.19
C LYS A 435 11.58 -21.42 4.87
N GLU A 436 11.16 -22.57 4.38
CA GLU A 436 11.71 -23.15 3.12
C GLU A 436 10.63 -23.21 2.03
N THR A 437 10.96 -22.68 0.87
CA THR A 437 10.29 -22.92 -0.45
C THR A 437 11.34 -23.55 -1.36
N LEU A 438 11.60 -23.01 -2.55
CA LEU A 438 12.86 -23.33 -3.25
C LEU A 438 14.01 -22.70 -2.47
N THR A 439 13.71 -21.62 -1.74
CA THR A 439 14.71 -20.73 -1.12
C THR A 439 14.44 -20.65 0.39
N LEU A 440 15.37 -20.01 1.09
CA LEU A 440 15.31 -19.81 2.55
C LEU A 440 14.96 -18.36 2.84
N LYS A 441 14.13 -18.12 3.86
CA LYS A 441 13.80 -16.77 4.39
C LYS A 441 13.60 -16.86 5.90
N PRO A 442 13.95 -15.81 6.68
N PRO A 442 14.07 -15.87 6.68
CA PRO A 442 13.68 -15.79 8.13
CA PRO A 442 13.63 -15.75 8.05
C PRO A 442 12.26 -15.34 8.53
C PRO A 442 12.12 -15.56 7.94
N GLU A 443 11.38 -16.32 8.73
CA GLU A 443 9.93 -16.10 8.93
C GLU A 443 9.72 -15.34 10.27
N GLY A 444 8.85 -14.33 10.26
CA GLY A 444 8.47 -13.60 11.47
C GLY A 444 9.55 -12.62 11.89
N PHE A 445 10.59 -12.37 11.07
CA PHE A 445 11.69 -11.45 11.45
C PHE A 445 11.15 -10.02 11.40
N VAL A 446 11.17 -9.35 12.54
CA VAL A 446 10.65 -7.97 12.72
C VAL A 446 11.72 -7.14 13.41
N VAL A 447 11.79 -5.86 13.05
CA VAL A 447 12.69 -4.87 13.71
C VAL A 447 11.92 -3.55 13.85
N LYS A 448 12.49 -2.64 14.62
CA LYS A 448 12.12 -1.21 14.63
C LYS A 448 13.30 -0.44 14.05
N ALA A 449 12.96 0.56 13.25
CA ALA A 449 13.94 1.46 12.63
C ALA A 449 13.72 2.84 13.26
N LYS A 450 14.81 3.47 13.65
CA LYS A 450 14.76 4.89 14.07
C LYS A 450 15.45 5.68 12.99
N SER A 451 14.73 6.59 12.36
CA SER A 451 15.25 7.43 11.27
C SER A 451 16.45 8.21 11.78
N LYS A 452 17.51 8.29 11.00
CA LYS A 452 18.58 9.28 11.20
C LYS A 452 18.21 10.63 10.55
N LYS A 453 17.01 10.76 9.99
CA LYS A 453 16.43 12.04 9.46
C LYS A 453 17.35 12.65 8.42
N ILE A 454 17.89 11.83 7.52
CA ILE A 454 18.69 12.32 6.38
C ILE A 454 17.78 12.35 5.16
N PRO A 455 17.60 13.54 4.53
CA PRO A 455 16.64 13.69 3.43
C PRO A 455 16.99 12.86 2.18
N LEU A 456 15.97 12.43 1.43
CA LEU A 456 16.15 11.87 0.06
C LEU A 456 16.06 13.01 -0.97
N ILE B 3 -51.22 32.87 6.01
CA ILE B 3 -50.93 31.60 6.78
C ILE B 3 -51.38 30.40 5.95
N LYS B 4 -50.42 29.58 5.48
CA LYS B 4 -50.67 28.38 4.63
C LYS B 4 -50.47 27.10 5.45
N GLU B 5 -51.13 26.04 5.00
CA GLU B 5 -50.82 24.65 5.40
C GLU B 5 -49.68 24.13 4.50
N MET B 6 -48.68 23.57 5.18
CA MET B 6 -47.49 22.91 4.61
C MET B 6 -47.85 21.57 3.97
N PRO B 7 -47.39 21.20 2.75
CA PRO B 7 -47.56 19.85 2.25
C PRO B 7 -46.69 18.84 3.02
N GLN B 8 -47.01 17.56 2.87
CA GLN B 8 -46.40 16.44 3.61
C GLN B 8 -46.32 15.25 2.67
N PRO B 9 -45.16 14.55 2.56
CA PRO B 9 -45.09 13.37 1.70
C PRO B 9 -45.90 12.20 2.25
N LYS B 10 -45.92 11.10 1.51
CA LYS B 10 -46.81 9.94 1.79
C LYS B 10 -46.48 9.35 3.16
N THR B 11 -47.51 8.89 3.86
CA THR B 11 -47.45 8.34 5.24
C THR B 11 -47.71 6.84 5.23
N PHE B 12 -47.27 6.20 6.32
CA PHE B 12 -47.33 4.75 6.56
C PHE B 12 -48.03 4.48 7.90
N GLY B 13 -49.26 4.95 8.02
CA GLY B 13 -50.03 4.76 9.27
C GLY B 13 -49.28 5.37 10.44
N GLU B 14 -49.13 4.59 11.51
N GLU B 14 -49.16 4.65 11.56
CA GLU B 14 -48.61 5.03 12.81
CA GLU B 14 -48.62 5.24 12.81
C GLU B 14 -47.12 5.40 12.67
C GLU B 14 -47.09 5.42 12.68
N LEU B 15 -46.44 4.86 11.66
CA LEU B 15 -45.01 5.19 11.33
C LEU B 15 -44.87 6.54 10.61
N LYS B 16 -45.99 7.17 10.23
CA LYS B 16 -45.99 8.52 9.62
C LYS B 16 -45.01 8.47 8.45
N ASN B 17 -44.00 9.35 8.36
CA ASN B 17 -43.10 9.41 7.18
C ASN B 17 -41.83 8.58 7.40
N LEU B 18 -41.66 7.93 8.55
CA LEU B 18 -40.37 7.28 8.92
C LEU B 18 -39.90 6.30 7.84
N PRO B 19 -40.76 5.40 7.26
CA PRO B 19 -40.30 4.45 6.26
C PRO B 19 -39.73 5.08 4.97
N LEU B 20 -39.95 6.38 4.72
CA LEU B 20 -39.31 7.11 3.57
C LEU B 20 -37.78 7.16 3.76
N LEU B 21 -37.27 6.98 4.97
CA LEU B 21 -35.83 6.92 5.28
C LEU B 21 -35.32 5.48 5.26
N ASN B 22 -36.18 4.50 5.06
CA ASN B 22 -35.73 3.09 4.86
C ASN B 22 -35.18 2.98 3.42
N THR B 23 -34.02 3.59 3.18
CA THR B 23 -33.35 3.66 1.86
C THR B 23 -31.85 3.85 2.14
N ASP B 24 -30.99 3.44 1.21
CA ASP B 24 -29.54 3.72 1.38
C ASP B 24 -29.27 5.18 0.94
N LYS B 25 -30.25 5.88 0.37
CA LYS B 25 -30.05 7.23 -0.26
C LYS B 25 -31.10 8.23 0.23
N PRO B 26 -31.11 8.52 1.55
CA PRO B 26 -32.16 9.33 2.13
C PRO B 26 -32.19 10.79 1.65
N VAL B 27 -31.02 11.39 1.44
CA VAL B 27 -30.92 12.81 1.00
C VAL B 27 -31.49 12.93 -0.40
N GLN B 28 -31.17 11.99 -1.27
CA GLN B 28 -31.69 11.99 -2.68
C GLN B 28 -33.21 11.77 -2.64
N ALA B 29 -33.70 10.93 -1.72
CA ALA B 29 -35.16 10.74 -1.56
C ALA B 29 -35.81 12.06 -1.14
N LEU B 30 -35.22 12.75 -0.17
CA LEU B 30 -35.73 14.05 0.33
C LEU B 30 -35.66 15.08 -0.77
N MET B 31 -34.62 15.03 -1.60
CA MET B 31 -34.51 15.94 -2.77
C MET B 31 -35.69 15.72 -3.73
N LYS B 32 -36.01 14.47 -4.04
CA LYS B 32 -37.15 14.15 -4.95
C LYS B 32 -38.46 14.60 -4.29
N ILE B 33 -38.65 14.41 -2.98
CA ILE B 33 -39.84 14.93 -2.27
C ILE B 33 -39.90 16.46 -2.44
N ALA B 34 -38.78 17.16 -2.25
CA ALA B 34 -38.76 18.64 -2.43
C ALA B 34 -39.15 19.04 -3.87
N ASP B 35 -38.62 18.36 -4.88
CA ASP B 35 -39.00 18.60 -6.30
C ASP B 35 -40.52 18.46 -6.47
N GLU B 36 -41.16 17.52 -5.79
CA GLU B 36 -42.61 17.25 -5.95
C GLU B 36 -43.42 18.26 -5.14
N LEU B 37 -43.00 18.55 -3.90
CA LEU B 37 -43.84 19.29 -2.93
C LEU B 37 -43.45 20.76 -2.86
N GLY B 38 -42.23 21.14 -3.27
CA GLY B 38 -41.79 22.55 -3.30
C GLY B 38 -40.96 22.96 -2.10
N GLU B 39 -41.02 24.24 -1.76
CA GLU B 39 -40.00 24.92 -0.94
C GLU B 39 -40.05 24.46 0.53
N ILE B 40 -41.16 23.90 0.99
CA ILE B 40 -41.25 23.47 2.40
C ILE B 40 -42.17 22.27 2.48
N PHE B 41 -41.79 21.30 3.29
CA PHE B 41 -42.68 20.16 3.60
C PHE B 41 -42.44 19.73 5.04
N LYS B 42 -43.52 19.26 5.64
CA LYS B 42 -43.54 18.67 7.00
C LYS B 42 -43.08 17.22 6.87
N PHE B 43 -42.29 16.76 7.82
CA PHE B 43 -41.80 15.36 7.86
C PHE B 43 -41.92 14.88 9.29
N GLU B 44 -42.72 13.82 9.47
CA GLU B 44 -43.12 13.31 10.79
C GLU B 44 -42.63 11.88 10.96
N ALA B 45 -42.17 11.56 12.15
CA ALA B 45 -41.90 10.18 12.63
C ALA B 45 -42.57 10.07 14.01
N PRO B 46 -42.72 8.86 14.60
CA PRO B 46 -43.32 8.77 15.94
C PRO B 46 -42.51 9.68 16.88
N GLY B 47 -43.19 10.66 17.48
CA GLY B 47 -42.62 11.58 18.49
C GLY B 47 -41.71 12.66 17.90
N ARG B 48 -41.76 12.92 16.58
CA ARG B 48 -40.80 13.81 15.89
C ARG B 48 -41.53 14.57 14.77
N VAL B 49 -41.35 15.88 14.70
CA VAL B 49 -41.75 16.68 13.50
C VAL B 49 -40.58 17.57 13.08
N THR B 50 -40.26 17.57 11.80
CA THR B 50 -39.32 18.58 11.25
C THR B 50 -39.93 19.12 9.95
N ARG B 51 -39.32 20.18 9.42
CA ARG B 51 -39.78 20.82 8.17
C ARG B 51 -38.56 20.99 7.26
N TYR B 52 -38.60 20.44 6.05
CA TYR B 52 -37.48 20.49 5.08
C TYR B 52 -37.66 21.72 4.22
N LEU B 53 -36.66 22.62 4.26
CA LEU B 53 -36.63 23.88 3.48
C LEU B 53 -35.75 23.69 2.25
N SER B 54 -36.18 24.20 1.09
CA SER B 54 -35.48 24.08 -0.21
C SER B 54 -35.27 25.41 -0.94
N SER B 55 -36.01 26.48 -0.60
CA SER B 55 -35.96 27.77 -1.34
C SER B 55 -35.03 28.73 -0.61
N GLN B 56 -34.27 29.52 -1.38
CA GLN B 56 -33.50 30.66 -0.84
C GLN B 56 -34.46 31.60 -0.10
N ARG B 57 -35.71 31.76 -0.57
CA ARG B 57 -36.69 32.65 0.11
C ARG B 57 -36.85 32.28 1.59
N LEU B 58 -36.99 31.00 1.92
CA LEU B 58 -37.20 30.61 3.33
C LEU B 58 -35.86 30.41 4.03
N ILE B 59 -34.86 29.90 3.33
CA ILE B 59 -33.57 29.57 3.99
C ILE B 59 -32.87 30.87 4.44
N LYS B 60 -33.02 31.97 3.71
CA LYS B 60 -32.37 33.24 4.14
C LYS B 60 -32.92 33.63 5.52
N GLU B 61 -34.19 33.36 5.80
CA GLU B 61 -34.80 33.59 7.14
C GLU B 61 -34.25 32.59 8.15
N ALA B 62 -34.15 31.31 7.80
CA ALA B 62 -33.64 30.24 8.69
C ALA B 62 -32.24 30.60 9.17
N CYS B 63 -31.47 31.27 8.30
CA CYS B 63 -30.06 31.64 8.53
C CYS B 63 -29.93 32.91 9.39
N ASP B 64 -31.04 33.48 9.84
CA ASP B 64 -31.07 34.61 10.80
C ASP B 64 -30.76 34.07 12.20
N GLU B 65 -29.55 34.32 12.72
CA GLU B 65 -29.11 33.73 14.01
C GLU B 65 -29.89 34.34 15.19
N SER B 66 -30.56 35.48 15.04
CA SER B 66 -31.41 36.07 16.11
C SER B 66 -32.66 35.20 16.25
N ARG B 67 -33.05 34.46 15.22
CA ARG B 67 -34.33 33.69 15.23
C ARG B 67 -34.08 32.18 15.36
N PHE B 68 -32.97 31.66 14.80
CA PHE B 68 -32.71 30.21 14.72
C PHE B 68 -31.26 29.92 15.13
N ASP B 69 -31.06 28.82 15.86
CA ASP B 69 -29.74 28.29 16.26
C ASP B 69 -29.57 26.87 15.71
N LYS B 70 -28.35 26.35 15.68
CA LYS B 70 -28.07 24.97 15.24
C LYS B 70 -28.80 23.97 16.14
N ASN B 71 -29.50 23.03 15.50
CA ASN B 71 -30.14 21.86 16.14
C ASN B 71 -29.26 20.62 15.90
N LEU B 72 -29.21 19.72 16.88
CA LEU B 72 -28.68 18.35 16.70
C LEU B 72 -29.86 17.51 16.18
N SER B 73 -29.82 17.16 14.90
CA SER B 73 -30.71 16.18 14.23
C SER B 73 -30.54 14.82 14.92
N GLN B 74 -31.43 13.88 14.62
CA GLN B 74 -31.33 12.53 15.21
C GLN B 74 -29.96 11.95 14.83
N ALA B 75 -29.50 12.17 13.58
CA ALA B 75 -28.19 11.70 13.10
C ALA B 75 -27.06 12.25 13.99
N LEU B 76 -27.07 13.56 14.27
CA LEU B 76 -25.99 14.13 15.12
C LEU B 76 -26.09 13.58 16.54
N LYS B 77 -27.30 13.38 17.08
CA LYS B 77 -27.41 12.83 18.45
C LYS B 77 -26.80 11.42 18.50
N PHE B 78 -26.92 10.63 17.44
CA PHE B 78 -26.34 9.25 17.38
C PHE B 78 -24.84 9.35 17.24
N VAL B 79 -24.36 10.27 16.41
CA VAL B 79 -22.90 10.51 16.22
C VAL B 79 -22.27 11.03 17.51
N ARG B 80 -22.98 11.84 18.29
CA ARG B 80 -22.50 12.37 19.61
C ARG B 80 -22.09 11.22 20.56
N ASP B 81 -22.64 10.02 20.41
CA ASP B 81 -22.16 8.85 21.22
C ASP B 81 -20.65 8.63 21.03
N PHE B 82 -20.03 9.02 19.91
CA PHE B 82 -18.55 8.93 19.81
C PHE B 82 -17.90 10.28 19.53
N ALA B 83 -18.63 11.28 19.03
CA ALA B 83 -18.04 12.62 18.79
C ALA B 83 -18.23 13.52 20.00
N GLY B 84 -18.99 13.09 20.99
CA GLY B 84 -19.18 13.78 22.29
C GLY B 84 -19.56 15.24 22.13
N ASP B 85 -18.94 16.11 22.93
CA ASP B 85 -19.14 17.58 22.86
C ASP B 85 -17.99 18.21 22.10
N GLY B 86 -17.50 17.50 21.08
CA GLY B 86 -16.72 18.14 19.98
C GLY B 86 -17.50 19.26 19.32
N LEU B 87 -16.83 20.08 18.53
CA LEU B 87 -17.47 21.29 17.97
C LEU B 87 -18.72 20.93 17.15
N PHE B 88 -18.71 19.81 16.42
CA PHE B 88 -19.75 19.48 15.41
C PHE B 88 -21.03 18.97 16.11
N THR B 89 -20.88 18.31 17.26
CA THR B 89 -22.00 17.65 17.97
C THR B 89 -22.34 18.34 19.28
N SER B 90 -21.88 19.58 19.50
N SER B 90 -21.89 19.60 19.46
CA SER B 90 -22.21 20.37 20.72
CA SER B 90 -22.17 20.45 20.64
C SER B 90 -23.30 21.40 20.38
C SER B 90 -23.33 21.39 20.35
N TRP B 91 -24.14 21.69 21.35
CA TRP B 91 -25.10 22.80 21.30
C TRP B 91 -24.31 24.10 21.51
N THR B 92 -24.76 25.16 20.88
CA THR B 92 -24.13 26.52 20.96
C THR B 92 -24.06 26.97 22.42
N HIS B 93 -25.02 26.56 23.25
CA HIS B 93 -25.12 27.01 24.67
C HIS B 93 -24.22 26.17 25.60
N GLU B 94 -23.64 25.04 25.14
CA GLU B 94 -22.73 24.23 26.00
C GLU B 94 -21.42 24.99 26.15
N LYS B 95 -20.90 25.05 27.37
CA LYS B 95 -19.65 25.77 27.69
C LYS B 95 -18.55 25.36 26.70
N ASN B 96 -18.37 24.07 26.44
CA ASN B 96 -17.26 23.55 25.62
C ASN B 96 -17.40 23.98 24.15
N TRP B 97 -18.56 24.41 23.69
CA TRP B 97 -18.66 24.82 22.26
C TRP B 97 -17.87 26.12 22.08
N LYS B 98 -18.23 27.17 22.84
CA LYS B 98 -17.60 28.50 22.64
C LYS B 98 -16.14 28.38 23.08
N LYS B 99 -15.85 27.65 24.16
CA LYS B 99 -14.47 27.44 24.64
C LYS B 99 -13.59 26.85 23.51
N ALA B 100 -14.01 25.73 22.93
CA ALA B 100 -13.22 25.01 21.90
C ALA B 100 -13.17 25.85 20.62
N HIS B 101 -14.26 26.55 20.30
CA HIS B 101 -14.37 27.44 19.12
C HIS B 101 -13.32 28.53 19.28
N ASN B 102 -13.23 29.16 20.46
CA ASN B 102 -12.29 30.30 20.64
C ASN B 102 -10.84 29.79 20.51
N ILE B 103 -10.55 28.66 21.12
CA ILE B 103 -9.20 28.04 21.15
C ILE B 103 -8.80 27.59 19.75
N LEU B 104 -9.74 27.02 18.97
CA LEU B 104 -9.41 26.35 17.68
C LEU B 104 -9.46 27.30 16.47
N LEU B 105 -10.15 28.44 16.56
N LEU B 105 -10.15 28.44 16.56
CA LEU B 105 -10.30 29.37 15.41
CA LEU B 105 -10.31 29.37 15.41
C LEU B 105 -8.95 29.71 14.81
C LEU B 105 -8.96 29.74 14.81
N PRO B 106 -7.93 30.14 15.61
CA PRO B 106 -6.62 30.47 15.05
C PRO B 106 -5.91 29.29 14.37
N SER B 107 -6.23 28.07 14.76
CA SER B 107 -5.69 26.82 14.16
C SER B 107 -6.27 26.58 12.78
N PHE B 108 -7.38 27.23 12.44
CA PHE B 108 -8.16 26.93 11.21
C PHE B 108 -8.18 28.10 10.25
N SER B 109 -7.40 29.13 10.56
CA SER B 109 -7.38 30.37 9.77
C SER B 109 -6.56 30.16 8.49
N GLN B 110 -6.78 31.06 7.55
CA GLN B 110 -5.98 31.16 6.30
C GLN B 110 -4.49 31.26 6.69
N GLN B 111 -4.13 32.02 7.72
CA GLN B 111 -2.74 32.13 8.23
C GLN B 111 -2.20 30.73 8.62
N ALA B 112 -3.00 29.94 9.32
CA ALA B 112 -2.52 28.62 9.81
C ALA B 112 -2.24 27.69 8.63
N MET B 113 -2.92 27.91 7.51
CA MET B 113 -2.77 27.04 6.33
C MET B 113 -1.32 27.11 5.82
N LYS B 114 -0.61 28.21 6.05
CA LYS B 114 0.83 28.30 5.68
C LYS B 114 1.65 27.28 6.44
N GLY B 115 1.30 27.00 7.68
CA GLY B 115 1.96 25.97 8.50
C GLY B 115 1.60 24.56 8.07
N TYR B 116 0.35 24.33 7.61
CA TYR B 116 -0.12 22.97 7.23
C TYR B 116 0.35 22.61 5.82
N HIS B 117 0.68 23.62 5.01
CA HIS B 117 0.89 23.43 3.55
C HIS B 117 1.88 22.28 3.29
N ALA B 118 3.05 22.29 3.91
CA ALA B 118 4.12 21.31 3.67
C ALA B 118 3.61 19.89 3.89
N MET B 119 2.82 19.68 4.96
N MET B 119 2.79 19.63 4.91
CA MET B 119 2.20 18.37 5.31
CA MET B 119 2.34 18.23 5.12
C MET B 119 1.18 17.98 4.22
C MET B 119 1.11 17.92 4.25
N MET B 120 0.39 18.94 3.74
CA MET B 120 -0.61 18.66 2.68
C MET B 120 0.14 18.25 1.42
N VAL B 121 1.25 18.93 1.13
CA VAL B 121 2.06 18.62 -0.09
C VAL B 121 2.60 17.18 0.02
N ASP B 122 2.97 16.75 1.23
CA ASP B 122 3.51 15.39 1.45
C ASP B 122 2.50 14.35 0.97
N ILE B 123 1.25 14.52 1.35
CA ILE B 123 0.20 13.54 0.98
C ILE B 123 -0.15 13.71 -0.51
N ALA B 124 -0.24 14.93 -0.99
CA ALA B 124 -0.63 15.21 -2.39
C ALA B 124 0.44 14.62 -3.32
N VAL B 125 1.71 14.73 -2.93
CA VAL B 125 2.81 14.12 -3.71
C VAL B 125 2.65 12.61 -3.73
N GLN B 126 2.28 11.98 -2.62
CA GLN B 126 2.02 10.53 -2.60
C GLN B 126 0.88 10.13 -3.55
N LEU B 127 -0.18 10.93 -3.63
CA LEU B 127 -1.25 10.66 -4.62
C LEU B 127 -0.68 10.73 -6.04
N VAL B 128 0.01 11.80 -6.40
CA VAL B 128 0.58 11.98 -7.77
C VAL B 128 1.51 10.80 -8.07
N GLN B 129 2.39 10.40 -7.15
CA GLN B 129 3.32 9.27 -7.39
C GLN B 129 2.55 7.97 -7.57
N LYS B 130 1.49 7.72 -6.79
CA LYS B 130 0.67 6.51 -6.99
C LYS B 130 0.19 6.46 -8.45
N TRP B 131 -0.39 7.55 -8.94
CA TRP B 131 -0.97 7.58 -10.30
C TRP B 131 0.14 7.51 -11.38
N GLU B 132 1.28 8.15 -11.15
CA GLU B 132 2.44 8.11 -12.07
C GLU B 132 2.88 6.65 -12.24
N ARG B 133 2.66 5.81 -11.25
CA ARG B 133 3.24 4.45 -11.17
C ARG B 133 2.22 3.43 -11.64
N LEU B 134 1.03 3.85 -12.06
CA LEU B 134 0.03 2.91 -12.62
C LEU B 134 0.53 2.44 -13.98
N ASN B 135 0.28 1.18 -14.30
CA ASN B 135 0.53 0.55 -15.63
C ASN B 135 -0.54 0.98 -16.63
N ALA B 136 -0.21 0.90 -17.93
CA ALA B 136 -1.05 1.40 -19.05
C ALA B 136 -2.51 0.89 -18.91
N ASP B 137 -2.66 -0.37 -18.55
CA ASP B 137 -3.94 -1.13 -18.57
C ASP B 137 -4.80 -0.78 -17.33
N GLU B 138 -4.33 0.12 -16.47
CA GLU B 138 -4.90 0.26 -15.10
C GLU B 138 -5.78 1.50 -15.04
N HIS B 139 -6.65 1.59 -14.03
CA HIS B 139 -7.49 2.79 -13.83
C HIS B 139 -7.39 3.21 -12.37
N ILE B 140 -7.96 4.37 -12.07
CA ILE B 140 -8.02 5.02 -10.75
C ILE B 140 -9.43 4.83 -10.16
N GLU B 141 -9.50 4.38 -8.92
CA GLU B 141 -10.75 4.32 -8.13
C GLU B 141 -10.82 5.66 -7.39
N VAL B 142 -11.62 6.59 -7.90
CA VAL B 142 -11.46 8.03 -7.57
C VAL B 142 -11.80 8.29 -6.11
N PRO B 143 -13.02 7.98 -5.59
CA PRO B 143 -13.31 8.30 -4.18
C PRO B 143 -12.40 7.55 -3.20
N GLU B 144 -12.02 6.33 -3.57
CA GLU B 144 -11.08 5.50 -2.78
C GLU B 144 -9.79 6.30 -2.61
N ASP B 145 -9.18 6.76 -3.70
CA ASP B 145 -7.89 7.48 -3.63
C ASP B 145 -8.07 8.86 -2.97
N MET B 146 -9.18 9.55 -3.25
CA MET B 146 -9.43 10.86 -2.58
C MET B 146 -9.59 10.64 -1.06
N THR B 147 -10.21 9.57 -0.61
CA THR B 147 -10.39 9.27 0.83
C THR B 147 -9.04 8.92 1.47
N ARG B 148 -8.19 8.16 0.77
CA ARG B 148 -6.82 7.89 1.26
C ARG B 148 -6.14 9.24 1.53
N LEU B 149 -6.26 10.17 0.57
CA LEU B 149 -5.57 11.46 0.63
C LEU B 149 -6.12 12.29 1.80
N THR B 150 -7.44 12.51 1.86
CA THR B 150 -7.98 13.48 2.85
C THR B 150 -7.84 12.95 4.28
N LEU B 151 -8.03 11.65 4.49
CA LEU B 151 -7.76 11.01 5.80
C LEU B 151 -6.29 11.24 6.18
N ASP B 152 -5.36 10.96 5.29
CA ASP B 152 -3.91 11.08 5.62
C ASP B 152 -3.56 12.55 5.91
N THR B 153 -4.14 13.49 5.19
CA THR B 153 -3.81 14.93 5.39
C THR B 153 -4.22 15.35 6.81
N ILE B 154 -5.43 14.99 7.24
CA ILE B 154 -5.92 15.42 8.57
C ILE B 154 -5.17 14.63 9.66
N GLY B 155 -4.78 13.38 9.40
CA GLY B 155 -3.97 12.64 10.38
C GLY B 155 -2.67 13.37 10.66
N LEU B 156 -1.97 13.79 9.61
CA LEU B 156 -0.62 14.41 9.68
C LEU B 156 -0.75 15.83 10.25
N CYS B 157 -1.65 16.67 9.70
CA CYS B 157 -1.93 18.04 10.22
C CYS B 157 -2.65 18.03 11.57
N GLY B 158 -3.47 17.02 11.83
CA GLY B 158 -4.23 16.92 13.08
C GLY B 158 -3.32 16.56 14.24
N PHE B 159 -2.56 15.47 14.11
CA PHE B 159 -1.76 15.02 15.27
C PHE B 159 -0.47 14.32 14.84
N ASN B 160 0.09 14.67 13.67
CA ASN B 160 1.41 14.15 13.24
C ASN B 160 1.38 12.61 13.24
N TYR B 161 0.27 12.04 12.86
CA TYR B 161 0.09 10.58 12.72
C TYR B 161 -0.06 10.26 11.22
N ARG B 162 0.70 9.25 10.77
CA ARG B 162 0.60 8.75 9.36
C ARG B 162 -0.32 7.54 9.34
N PHE B 163 -1.51 7.69 8.74
CA PHE B 163 -2.39 6.54 8.47
C PHE B 163 -1.80 5.67 7.36
N ASN B 164 -0.93 6.22 6.52
CA ASN B 164 -0.24 5.48 5.44
C ASN B 164 -1.28 4.78 4.57
N SER B 165 -2.32 5.51 4.19
CA SER B 165 -3.47 4.96 3.40
C SER B 165 -2.99 4.49 2.00
N PHE B 166 -1.96 5.10 1.43
CA PHE B 166 -1.44 4.71 0.08
C PHE B 166 -0.60 3.43 0.19
N TYR B 167 -0.36 2.90 1.38
CA TYR B 167 0.44 1.66 1.61
C TYR B 167 -0.52 0.49 1.85
N ARG B 168 -1.83 0.73 1.75
CA ARG B 168 -2.86 -0.24 2.20
C ARG B 168 -3.96 -0.46 1.17
N ASP B 169 -4.40 -1.72 1.09
CA ASP B 169 -5.72 -2.14 0.55
C ASP B 169 -6.73 -2.01 1.68
N GLN B 170 -6.37 -2.51 2.88
CA GLN B 170 -7.25 -2.64 4.07
C GLN B 170 -7.03 -1.44 4.98
N PRO B 171 -8.09 -0.69 5.37
CA PRO B 171 -7.91 0.51 6.16
C PRO B 171 -7.35 0.15 7.54
N HIS B 172 -6.68 1.13 8.16
CA HIS B 172 -6.26 1.14 9.58
C HIS B 172 -7.42 0.67 10.46
N PRO B 173 -7.17 -0.14 11.53
CA PRO B 173 -8.21 -0.53 12.48
C PRO B 173 -9.08 0.59 13.09
N PHE B 174 -8.48 1.74 13.37
CA PHE B 174 -9.20 2.97 13.80
C PHE B 174 -10.32 3.25 12.80
N ILE B 175 -10.01 3.22 11.50
CA ILE B 175 -10.93 3.60 10.38
C ILE B 175 -12.01 2.52 10.27
N THR B 176 -11.66 1.23 10.37
CA THR B 176 -12.65 0.13 10.36
C THR B 176 -13.74 0.42 11.40
N SER B 177 -13.36 0.74 12.64
CA SER B 177 -14.28 1.02 13.75
C SER B 177 -15.03 2.32 13.48
N MET B 178 -14.34 3.35 12.94
CA MET B 178 -14.96 4.67 12.70
C MET B 178 -16.07 4.51 11.66
N VAL B 179 -15.75 3.86 10.55
CA VAL B 179 -16.71 3.67 9.43
C VAL B 179 -17.89 2.85 9.95
N ARG B 180 -17.64 1.80 10.74
CA ARG B 180 -18.72 0.92 11.22
C ARG B 180 -19.57 1.64 12.28
N ALA B 181 -18.97 2.49 13.11
CA ALA B 181 -19.71 3.31 14.10
C ALA B 181 -20.63 4.28 13.35
N LEU B 182 -20.10 4.93 12.32
CA LEU B 182 -20.88 5.89 11.50
C LEU B 182 -22.04 5.15 10.79
N ASP B 183 -21.78 3.96 10.26
CA ASP B 183 -22.80 3.20 9.50
C ASP B 183 -23.92 2.84 10.47
N GLU B 184 -23.58 2.48 11.71
CA GLU B 184 -24.58 2.10 12.73
C GLU B 184 -25.42 3.33 13.15
N ALA B 185 -24.78 4.47 13.38
CA ALA B 185 -25.46 5.76 13.67
C ALA B 185 -26.46 6.06 12.54
N MET B 186 -26.04 5.92 11.29
CA MET B 186 -26.91 6.22 10.12
C MET B 186 -28.05 5.17 10.05
N ASN B 187 -27.75 3.88 10.19
CA ASN B 187 -28.77 2.80 10.07
C ASN B 187 -29.84 2.97 11.16
N LYS B 188 -29.47 3.46 12.34
CA LYS B 188 -30.41 3.63 13.46
C LYS B 188 -31.51 4.62 13.09
N LEU B 189 -31.35 5.49 12.10
CA LEU B 189 -32.34 6.59 11.82
C LEU B 189 -33.70 5.98 11.43
N GLN B 190 -33.68 4.89 10.66
CA GLN B 190 -34.87 4.27 10.01
C GLN B 190 -35.49 3.20 10.90
N ARG B 191 -34.85 2.83 12.01
CA ARG B 191 -35.33 1.73 12.91
C ARG B 191 -36.58 2.19 13.67
N ALA B 192 -37.76 1.74 13.22
CA ALA B 192 -39.06 1.96 13.88
C ALA B 192 -39.05 1.33 15.28
N ASN B 193 -38.36 0.18 15.42
CA ASN B 193 -38.36 -0.67 16.65
C ASN B 193 -36.92 -0.82 17.16
N PRO B 194 -36.33 0.25 17.75
CA PRO B 194 -34.91 0.27 18.11
C PRO B 194 -34.38 -0.77 19.12
N ASP B 195 -35.12 -1.08 20.20
CA ASP B 195 -34.60 -1.97 21.27
C ASP B 195 -35.14 -3.40 21.03
N ASP B 196 -35.64 -3.68 19.83
CA ASP B 196 -35.85 -5.05 19.29
C ASP B 196 -34.59 -5.86 19.61
N PRO B 197 -34.70 -7.17 19.94
CA PRO B 197 -33.54 -7.99 20.31
C PRO B 197 -32.56 -8.25 19.15
N ALA B 198 -33.06 -8.20 17.91
CA ALA B 198 -32.31 -8.38 16.64
C ALA B 198 -31.22 -7.30 16.47
N TYR B 199 -31.18 -6.27 17.33
CA TYR B 199 -30.23 -5.14 17.23
C TYR B 199 -29.19 -5.21 18.37
N ASP B 200 -29.28 -6.23 19.25
CA ASP B 200 -28.31 -6.44 20.37
C ASP B 200 -26.86 -6.51 19.87
N GLU B 201 -26.61 -7.19 18.75
CA GLU B 201 -25.26 -7.40 18.16
C GLU B 201 -24.74 -6.04 17.68
N ASN B 202 -25.54 -5.33 16.88
CA ASN B 202 -25.26 -3.96 16.41
C ASN B 202 -24.82 -3.12 17.62
N LYS B 203 -25.55 -3.23 18.72
CA LYS B 203 -25.33 -2.46 19.96
C LYS B 203 -23.95 -2.85 20.55
N ARG B 204 -23.63 -4.14 20.65
CA ARG B 204 -22.36 -4.63 21.28
C ARG B 204 -21.18 -4.18 20.43
N GLN B 205 -21.32 -4.31 19.11
CA GLN B 205 -20.31 -3.93 18.09
C GLN B 205 -20.08 -2.41 18.17
N PHE B 206 -21.14 -1.62 18.33
CA PHE B 206 -21.06 -0.15 18.46
C PHE B 206 -20.14 0.21 19.63
N GLN B 207 -20.39 -0.39 20.79
CA GLN B 207 -19.63 -0.12 22.03
C GLN B 207 -18.16 -0.50 21.83
N GLU B 208 -17.88 -1.61 21.14
CA GLU B 208 -16.49 -2.06 20.84
C GLU B 208 -15.82 -1.08 19.87
N ASP B 209 -16.56 -0.53 18.91
CA ASP B 209 -15.97 0.41 17.90
C ASP B 209 -15.65 1.75 18.59
N ILE B 210 -16.53 2.18 19.45
CA ILE B 210 -16.32 3.42 20.25
C ILE B 210 -15.03 3.21 21.07
N LYS B 211 -14.92 2.04 21.72
CA LYS B 211 -13.77 1.74 22.61
C LYS B 211 -12.48 1.79 21.80
N VAL B 212 -12.45 1.18 20.62
CA VAL B 212 -11.27 1.22 19.71
C VAL B 212 -10.90 2.67 19.37
N MET B 213 -11.89 3.52 19.06
CA MET B 213 -11.59 4.92 18.66
C MET B 213 -10.98 5.65 19.86
N ASN B 214 -11.60 5.52 21.03
CA ASN B 214 -11.18 6.20 22.29
C ASN B 214 -9.76 5.75 22.64
N ASP B 215 -9.53 4.43 22.66
CA ASP B 215 -8.25 3.84 23.10
C ASP B 215 -7.12 4.40 22.22
N LEU B 216 -7.29 4.45 20.89
CA LEU B 216 -6.22 4.95 20.01
C LEU B 216 -6.04 6.47 20.21
N VAL B 217 -7.11 7.26 20.32
CA VAL B 217 -6.95 8.74 20.33
C VAL B 217 -6.38 9.17 21.70
N ASP B 218 -6.86 8.54 22.76
CA ASP B 218 -6.43 8.80 24.15
C ASP B 218 -4.95 8.49 24.30
N LYS B 219 -4.47 7.42 23.65
CA LYS B 219 -3.06 6.99 23.71
C LYS B 219 -2.22 8.01 22.94
N ILE B 220 -2.72 8.50 21.81
CA ILE B 220 -2.01 9.55 21.03
C ILE B 220 -1.85 10.81 21.90
N ILE B 221 -2.90 11.23 22.61
N ILE B 221 -2.91 11.23 22.59
CA ILE B 221 -2.84 12.42 23.51
CA ILE B 221 -2.86 12.38 23.53
C ILE B 221 -1.82 12.16 24.65
C ILE B 221 -1.79 12.11 24.59
N ALA B 222 -1.93 11.00 25.30
CA ALA B 222 -1.03 10.57 26.41
C ALA B 222 0.43 10.55 25.93
N ASP B 223 0.71 9.92 24.78
CA ASP B 223 2.05 9.86 24.12
C ASP B 223 2.58 11.25 23.86
N ARG B 224 1.76 12.19 23.35
CA ARG B 224 2.24 13.57 23.08
C ARG B 224 2.57 14.30 24.40
N LYS B 225 1.72 14.17 25.40
CA LYS B 225 1.95 14.82 26.73
C LYS B 225 3.25 14.28 27.35
N ALA B 226 3.48 12.97 27.27
CA ALA B 226 4.69 12.27 27.76
C ALA B 226 5.96 12.82 27.09
N SER B 227 5.96 12.91 25.76
CA SER B 227 7.16 13.28 24.96
C SER B 227 7.48 14.76 25.11
N GLY B 228 6.48 15.61 25.42
CA GLY B 228 6.61 17.08 25.52
C GLY B 228 6.93 17.74 24.18
N GLU B 229 6.85 16.98 23.09
CA GLU B 229 7.24 17.44 21.74
C GLU B 229 6.23 18.50 21.26
N GLN B 230 6.70 19.54 20.58
CA GLN B 230 5.89 20.74 20.25
C GLN B 230 5.66 20.83 18.74
N SER B 231 5.34 19.72 18.05
CA SER B 231 4.97 19.72 16.60
C SER B 231 3.86 20.76 16.37
N ASP B 232 3.85 21.40 15.20
CA ASP B 232 2.87 22.46 14.85
C ASP B 232 1.65 21.78 14.22
N ASP B 233 0.85 21.15 15.08
CA ASP B 233 -0.36 20.42 14.64
C ASP B 233 -1.50 20.82 15.58
N LEU B 234 -2.71 20.40 15.26
CA LEU B 234 -3.92 20.76 16.05
C LEU B 234 -3.76 20.24 17.48
N LEU B 235 -3.14 19.09 17.66
CA LEU B 235 -3.00 18.47 19.01
C LEU B 235 -2.12 19.37 19.90
N THR B 236 -1.03 19.90 19.37
CA THR B 236 -0.15 20.85 20.12
C THR B 236 -0.97 22.09 20.51
N HIS B 237 -1.66 22.72 19.55
CA HIS B 237 -2.48 23.95 19.78
C HIS B 237 -3.53 23.65 20.85
N MET B 238 -4.14 22.46 20.85
CA MET B 238 -5.20 22.12 21.84
C MET B 238 -4.60 21.84 23.22
N LEU B 239 -3.38 21.28 23.31
CA LEU B 239 -2.74 21.01 24.62
C LEU B 239 -2.22 22.32 25.25
N ASN B 240 -1.87 23.33 24.45
CA ASN B 240 -1.22 24.61 24.88
C ASN B 240 -2.20 25.78 24.89
N GLY B 241 -3.36 25.67 24.24
CA GLY B 241 -4.25 26.82 24.00
C GLY B 241 -5.06 27.09 25.22
N LYS B 242 -5.32 28.36 25.47
CA LYS B 242 -6.24 28.82 26.52
C LYS B 242 -7.34 29.62 25.84
N ASP B 243 -8.58 29.39 26.24
CA ASP B 243 -9.72 30.22 25.77
C ASP B 243 -9.55 31.63 26.33
N PRO B 244 -9.48 32.69 25.50
CA PRO B 244 -9.34 34.05 26.03
C PRO B 244 -10.48 34.44 26.97
N GLU B 245 -11.69 33.92 26.78
CA GLU B 245 -12.88 34.28 27.61
C GLU B 245 -12.73 33.65 29.00
N THR B 246 -12.82 32.32 29.09
CA THR B 246 -12.74 31.54 30.37
C THR B 246 -11.30 31.53 30.92
N GLY B 247 -10.25 31.67 30.09
CA GLY B 247 -8.83 31.53 30.47
C GLY B 247 -8.44 30.07 30.64
N GLU B 248 -9.37 29.14 30.34
CA GLU B 248 -9.17 27.69 30.54
C GLU B 248 -8.70 27.01 29.25
N PRO B 249 -7.92 25.92 29.38
CA PRO B 249 -7.63 25.01 28.27
C PRO B 249 -8.72 23.95 28.14
N LEU B 250 -8.75 23.27 26.99
CA LEU B 250 -9.58 22.07 26.79
C LEU B 250 -9.03 20.96 27.68
N ASP B 251 -9.90 20.14 28.23
CA ASP B 251 -9.49 18.92 28.98
C ASP B 251 -9.24 17.77 27.99
N ASP B 252 -8.56 16.71 28.42
CA ASP B 252 -8.09 15.61 27.54
C ASP B 252 -9.29 14.90 26.88
N GLU B 253 -10.40 14.76 27.57
CA GLU B 253 -11.60 14.10 27.02
C GLU B 253 -12.13 14.95 25.85
N ASN B 254 -12.18 16.27 25.99
CA ASN B 254 -12.75 17.14 24.92
C ASN B 254 -11.80 17.10 23.72
N ILE B 255 -10.50 17.09 23.97
CA ILE B 255 -9.47 17.07 22.90
C ILE B 255 -9.70 15.79 22.11
N ARG B 256 -10.00 14.69 22.81
CA ARG B 256 -10.23 13.40 22.14
C ARG B 256 -11.45 13.54 21.20
N TYR B 257 -12.55 14.11 21.68
CA TYR B 257 -13.75 14.34 20.81
C TYR B 257 -13.43 15.28 19.65
N GLN B 258 -12.60 16.32 19.84
CA GLN B 258 -12.22 17.20 18.70
C GLN B 258 -11.45 16.36 17.66
N ILE B 259 -10.53 15.51 18.10
CA ILE B 259 -9.69 14.71 17.15
C ILE B 259 -10.59 13.75 16.39
N ILE B 260 -11.48 13.04 17.09
CA ILE B 260 -12.39 12.08 16.42
C ILE B 260 -13.22 12.86 15.38
N THR B 261 -13.70 14.04 15.75
CA THR B 261 -14.51 14.91 14.87
C THR B 261 -13.72 15.28 13.60
N PHE B 262 -12.47 15.71 13.77
CA PHE B 262 -11.60 16.13 12.64
C PHE B 262 -11.33 14.94 11.72
N LEU B 263 -11.08 13.75 12.29
CA LEU B 263 -10.77 12.56 11.46
C LEU B 263 -12.01 12.16 10.64
N ILE B 264 -13.19 12.15 11.24
CA ILE B 264 -14.43 11.88 10.47
C ILE B 264 -14.55 12.93 9.36
N ALA B 265 -14.42 14.21 9.68
CA ALA B 265 -14.61 15.30 8.69
C ALA B 265 -13.66 15.12 7.50
N GLY B 266 -12.39 14.82 7.74
CA GLY B 266 -11.42 14.69 6.65
C GLY B 266 -11.70 13.46 5.81
N HIS B 267 -12.01 12.34 6.46
CA HIS B 267 -12.36 11.08 5.78
C HIS B 267 -13.60 11.30 4.90
N GLU B 268 -14.61 12.01 5.41
CA GLU B 268 -15.97 11.94 4.81
C GLU B 268 -16.27 13.08 3.83
N THR B 269 -15.69 14.26 4.02
N THR B 269 -15.66 14.25 3.98
CA THR B 269 -16.18 15.52 3.37
CA THR B 269 -16.21 15.51 3.40
C THR B 269 -15.26 15.90 2.22
C THR B 269 -15.30 15.99 2.26
N THR B 270 -14.01 16.26 2.49
CA THR B 270 -13.14 16.82 1.44
C THR B 270 -12.98 15.79 0.31
N SER B 271 -12.96 14.50 0.64
CA SER B 271 -12.77 13.45 -0.37
C SER B 271 -13.97 13.46 -1.33
N GLY B 272 -15.17 13.70 -0.79
CA GLY B 272 -16.39 13.83 -1.61
C GLY B 272 -16.28 14.98 -2.59
N LEU B 273 -15.92 16.15 -2.09
CA LEU B 273 -15.71 17.34 -2.95
C LEU B 273 -14.74 17.04 -4.09
N LEU B 274 -13.53 16.51 -3.80
CA LEU B 274 -12.52 16.24 -4.84
C LEU B 274 -13.11 15.25 -5.87
N SER B 275 -13.78 14.21 -5.38
CA SER B 275 -14.38 13.18 -6.26
C SER B 275 -15.43 13.82 -7.17
N PHE B 276 -16.34 14.65 -6.64
CA PHE B 276 -17.37 15.34 -7.46
C PHE B 276 -16.71 16.32 -8.41
N ALA B 277 -15.66 17.02 -7.97
CA ALA B 277 -14.98 18.02 -8.83
C ALA B 277 -14.41 17.28 -10.05
N LEU B 278 -13.77 16.13 -9.83
CA LEU B 278 -13.12 15.41 -10.97
C LEU B 278 -14.24 14.84 -11.88
N TYR B 279 -15.33 14.34 -11.29
CA TYR B 279 -16.49 13.86 -12.06
C TYR B 279 -16.92 14.99 -13.02
N PHE B 280 -17.18 16.18 -12.50
CA PHE B 280 -17.71 17.30 -13.33
C PHE B 280 -16.68 17.69 -14.39
N LEU B 281 -15.40 17.65 -14.05
CA LEU B 281 -14.35 18.06 -15.00
C LEU B 281 -14.32 17.07 -16.17
N VAL B 282 -14.37 15.77 -15.91
CA VAL B 282 -14.33 14.77 -17.02
C VAL B 282 -15.66 14.78 -17.78
N LYS B 283 -16.78 15.19 -17.17
CA LYS B 283 -18.07 15.36 -17.92
C LYS B 283 -18.15 16.69 -18.67
N ASN B 284 -17.20 17.62 -18.47
CA ASN B 284 -17.25 18.99 -19.06
C ASN B 284 -15.84 19.34 -19.54
N PRO B 285 -15.37 18.71 -20.64
CA PRO B 285 -13.99 18.86 -21.07
C PRO B 285 -13.54 20.30 -21.36
N HIS B 286 -14.43 21.21 -21.78
CA HIS B 286 -14.02 22.63 -21.99
C HIS B 286 -13.61 23.21 -20.64
N VAL B 287 -14.30 22.81 -19.57
CA VAL B 287 -14.02 23.31 -18.20
C VAL B 287 -12.70 22.71 -17.70
N LEU B 288 -12.50 21.41 -17.93
CA LEU B 288 -11.25 20.68 -17.57
C LEU B 288 -10.08 21.45 -18.24
N GLN B 289 -10.23 21.74 -19.51
CA GLN B 289 -9.18 22.41 -20.30
C GLN B 289 -8.82 23.74 -19.63
N LYS B 290 -9.81 24.57 -19.29
CA LYS B 290 -9.60 25.91 -18.72
C LYS B 290 -8.91 25.77 -17.35
N ALA B 291 -9.37 24.82 -16.52
CA ALA B 291 -8.70 24.51 -15.24
C ALA B 291 -7.27 23.97 -15.46
N ALA B 292 -7.03 23.08 -16.42
CA ALA B 292 -5.69 22.53 -16.68
C ALA B 292 -4.73 23.66 -17.13
N GLU B 293 -5.22 24.59 -17.93
CA GLU B 293 -4.42 25.75 -18.41
C GLU B 293 -4.01 26.63 -17.21
N GLU B 294 -4.92 26.88 -16.27
CA GLU B 294 -4.55 27.65 -15.05
C GLU B 294 -3.49 26.89 -14.27
N ALA B 295 -3.69 25.59 -14.02
CA ALA B 295 -2.74 24.73 -13.27
C ALA B 295 -1.33 24.86 -13.89
N ALA B 296 -1.23 24.82 -15.22
CA ALA B 296 0.07 24.80 -15.95
C ALA B 296 0.71 26.18 -15.78
N ARG B 297 -0.08 27.25 -15.93
CA ARG B 297 0.43 28.64 -15.88
C ARG B 297 0.89 28.97 -14.46
N VAL B 298 0.17 28.52 -13.44
CA VAL B 298 0.47 28.91 -12.02
C VAL B 298 1.49 27.97 -11.37
N LEU B 299 1.35 26.65 -11.49
CA LEU B 299 2.18 25.69 -10.71
C LEU B 299 3.48 25.42 -11.46
N VAL B 300 4.35 26.42 -11.48
CA VAL B 300 5.63 26.47 -12.27
C VAL B 300 6.78 25.81 -11.52
N ASP B 301 6.59 25.34 -10.28
CA ASP B 301 7.65 24.70 -9.46
C ASP B 301 7.33 23.23 -9.28
N PRO B 302 8.31 22.35 -8.99
CA PRO B 302 8.02 20.93 -8.78
C PRO B 302 7.00 20.64 -7.67
N VAL B 303 7.03 21.49 -6.64
CA VAL B 303 6.19 21.44 -5.39
C VAL B 303 5.38 22.73 -5.37
N PRO B 304 4.02 22.72 -5.29
CA PRO B 304 3.30 23.98 -5.19
C PRO B 304 3.58 24.70 -3.86
N SER B 305 3.66 26.04 -3.90
CA SER B 305 3.77 26.91 -2.71
C SER B 305 2.37 27.31 -2.22
N TYR B 306 2.28 27.75 -0.98
CA TYR B 306 1.04 28.34 -0.42
C TYR B 306 0.52 29.44 -1.34
N LYS B 307 1.39 30.36 -1.76
CA LYS B 307 0.98 31.56 -2.54
C LYS B 307 0.42 31.09 -3.90
N GLN B 308 1.01 30.05 -4.48
CA GLN B 308 0.57 29.51 -5.78
C GLN B 308 -0.84 28.94 -5.64
N VAL B 309 -1.07 28.17 -4.57
CA VAL B 309 -2.44 27.63 -4.36
C VAL B 309 -3.46 28.79 -4.33
N LYS B 310 -3.14 29.89 -3.64
CA LYS B 310 -4.05 31.07 -3.55
C LYS B 310 -4.33 31.66 -4.94
N GLN B 311 -3.47 31.43 -5.95
CA GLN B 311 -3.58 32.00 -7.32
CA GLN B 311 -3.67 32.03 -7.30
C GLN B 311 -4.43 31.07 -8.20
N LEU B 312 -4.77 29.86 -7.74
CA LEU B 312 -5.55 28.92 -8.58
C LEU B 312 -7.03 29.34 -8.49
N LYS B 313 -7.34 30.50 -9.05
CA LYS B 313 -8.69 31.11 -8.92
C LYS B 313 -9.75 30.24 -9.58
N TYR B 314 -9.53 29.85 -10.83
CA TYR B 314 -10.48 29.05 -11.61
C TYR B 314 -10.65 27.69 -10.95
N VAL B 315 -9.59 27.11 -10.40
CA VAL B 315 -9.72 25.80 -9.69
C VAL B 315 -10.65 25.98 -8.49
N GLY B 316 -10.50 27.09 -7.77
CA GLY B 316 -11.40 27.43 -6.64
C GLY B 316 -12.87 27.57 -7.10
N MET B 317 -13.08 28.12 -8.29
CA MET B 317 -14.44 28.28 -8.85
C MET B 317 -15.00 26.90 -9.22
N VAL B 318 -14.14 26.01 -9.73
CA VAL B 318 -14.56 24.63 -10.06
C VAL B 318 -15.03 23.97 -8.77
N LEU B 319 -14.29 24.14 -7.68
CA LEU B 319 -14.64 23.50 -6.40
C LEU B 319 -15.96 24.09 -5.89
N ASN B 320 -16.15 25.39 -6.02
CA ASN B 320 -17.42 26.00 -5.56
C ASN B 320 -18.60 25.45 -6.38
N GLU B 321 -18.41 25.24 -7.67
CA GLU B 321 -19.51 24.82 -8.55
C GLU B 321 -19.80 23.33 -8.26
N ALA B 322 -18.80 22.53 -7.87
CA ALA B 322 -19.02 21.13 -7.43
C ALA B 322 -19.81 21.14 -6.12
N LEU B 323 -19.42 21.99 -5.17
CA LEU B 323 -20.16 22.19 -3.90
C LEU B 323 -21.59 22.70 -4.18
N ARG B 324 -21.82 23.47 -5.24
CA ARG B 324 -23.19 23.93 -5.54
C ARG B 324 -24.04 22.72 -5.88
N LEU B 325 -23.62 21.94 -6.85
CA LEU B 325 -24.47 20.84 -7.32
C LEU B 325 -24.47 19.68 -6.33
N TRP B 326 -23.34 19.35 -5.69
CA TRP B 326 -23.33 18.22 -4.73
C TRP B 326 -22.62 18.65 -3.47
N PRO B 327 -23.27 19.47 -2.61
CA PRO B 327 -22.67 19.83 -1.34
C PRO B 327 -22.52 18.56 -0.50
N THR B 328 -21.30 18.21 -0.17
CA THR B 328 -20.95 16.86 0.31
C THR B 328 -21.48 16.65 1.73
N ALA B 329 -21.71 17.70 2.50
CA ALA B 329 -22.40 17.63 3.81
C ALA B 329 -23.78 18.28 3.62
N PRO B 330 -24.79 17.54 3.13
CA PRO B 330 -25.86 18.15 2.34
C PRO B 330 -27.06 18.73 3.12
N ALA B 331 -27.14 18.55 4.42
CA ALA B 331 -28.24 19.11 5.23
C ALA B 331 -27.72 19.57 6.59
N PHE B 332 -28.29 20.64 7.14
CA PHE B 332 -28.10 21.02 8.54
C PHE B 332 -29.45 21.37 9.17
N SER B 333 -29.49 21.31 10.48
CA SER B 333 -30.73 21.41 11.29
C SER B 333 -30.67 22.66 12.17
N LEU B 334 -31.83 23.27 12.35
CA LEU B 334 -32.02 24.51 13.15
C LEU B 334 -33.24 24.36 14.05
N TYR B 335 -33.28 25.11 15.16
CA TYR B 335 -34.50 25.24 15.99
C TYR B 335 -34.83 26.71 16.16
N ALA B 336 -36.12 27.03 16.27
CA ALA B 336 -36.62 28.39 16.53
C ALA B 336 -36.28 28.77 17.99
N LYS B 337 -35.58 29.88 18.20
CA LYS B 337 -35.21 30.35 19.56
C LYS B 337 -36.44 30.95 20.26
N GLU B 338 -37.40 31.44 19.47
CA GLU B 338 -38.69 32.00 19.98
C GLU B 338 -39.78 31.74 18.95
N ASP B 339 -41.05 31.87 19.39
CA ASP B 339 -42.20 31.84 18.45
C ASP B 339 -41.85 32.79 17.31
N THR B 340 -42.13 32.42 16.07
CA THR B 340 -41.81 33.27 14.91
C THR B 340 -42.62 32.80 13.70
N VAL B 341 -42.72 33.65 12.70
CA VAL B 341 -43.45 33.31 11.44
C VAL B 341 -42.42 33.22 10.31
N LEU B 342 -42.40 32.08 9.62
CA LEU B 342 -41.44 31.86 8.52
C LEU B 342 -42.13 32.24 7.21
N GLY B 343 -41.54 33.16 6.46
CA GLY B 343 -41.92 33.55 5.09
C GLY B 343 -43.31 34.18 5.05
N GLY B 344 -43.70 34.86 6.13
CA GLY B 344 -45.04 35.45 6.35
C GLY B 344 -46.18 34.45 6.24
N GLU B 345 -45.91 33.14 6.34
CA GLU B 345 -46.89 32.07 5.98
C GLU B 345 -46.94 30.94 7.00
N TYR B 346 -45.81 30.58 7.61
CA TYR B 346 -45.66 29.30 8.36
C TYR B 346 -45.26 29.63 9.79
N PRO B 347 -46.23 29.68 10.72
CA PRO B 347 -45.94 30.03 12.10
C PRO B 347 -45.21 28.88 12.80
N LEU B 348 -44.17 29.22 13.54
CA LEU B 348 -43.37 28.21 14.28
C LEU B 348 -43.45 28.55 15.76
N GLU B 349 -43.48 27.53 16.61
CA GLU B 349 -43.33 27.69 18.07
C GLU B 349 -41.84 27.57 18.44
N LYS B 350 -41.45 28.27 19.51
CA LYS B 350 -40.14 28.12 20.17
C LYS B 350 -39.81 26.64 20.20
N GLY B 351 -38.63 26.25 19.73
CA GLY B 351 -38.20 24.84 19.79
C GLY B 351 -38.52 24.07 18.53
N ASP B 352 -39.39 24.56 17.64
CA ASP B 352 -39.73 23.86 16.36
C ASP B 352 -38.46 23.75 15.52
N GLU B 353 -38.32 22.63 14.82
N GLU B 353 -38.31 22.62 14.83
CA GLU B 353 -37.12 22.26 14.05
CA GLU B 353 -37.10 22.24 14.05
C GLU B 353 -37.29 22.52 12.56
C GLU B 353 -37.29 22.51 12.55
N LEU B 354 -36.19 22.82 11.87
CA LEU B 354 -36.09 23.02 10.41
C LEU B 354 -34.89 22.20 9.96
N MET B 355 -34.98 21.64 8.76
CA MET B 355 -33.84 21.05 8.04
C MET B 355 -33.64 21.88 6.77
N VAL B 356 -32.39 22.27 6.49
CA VAL B 356 -32.00 23.00 5.27
C VAL B 356 -31.45 21.93 4.31
N LEU B 357 -32.14 21.70 3.21
CA LEU B 357 -31.73 20.73 2.16
C LEU B 357 -30.83 21.50 1.18
N ILE B 358 -29.53 21.45 1.43
CA ILE B 358 -28.58 22.34 0.70
C ILE B 358 -28.65 22.05 -0.81
N PRO B 359 -28.66 20.79 -1.28
CA PRO B 359 -28.64 20.56 -2.74
C PRO B 359 -29.82 21.23 -3.44
N GLN B 360 -30.97 21.34 -2.76
CA GLN B 360 -32.19 21.97 -3.32
C GLN B 360 -32.05 23.49 -3.30
N LEU B 361 -31.55 24.06 -2.19
CA LEU B 361 -31.19 25.49 -2.16
C LEU B 361 -30.35 25.85 -3.40
N HIS B 362 -29.34 25.03 -3.68
CA HIS B 362 -28.34 25.23 -4.76
C HIS B 362 -28.95 25.00 -6.15
N ARG B 363 -30.21 24.54 -6.23
CA ARG B 363 -30.93 24.39 -7.53
C ARG B 363 -32.09 25.37 -7.69
N ASP B 364 -32.19 26.39 -6.84
CA ASP B 364 -33.29 27.39 -6.82
C ASP B 364 -33.15 28.28 -8.05
N LYS B 365 -34.00 28.06 -9.06
CA LYS B 365 -33.91 28.71 -10.39
C LYS B 365 -34.13 30.20 -10.25
N THR B 366 -34.80 30.67 -9.19
CA THR B 366 -35.10 32.11 -9.01
C THR B 366 -33.78 32.79 -8.64
N ILE B 367 -32.77 32.01 -8.22
CA ILE B 367 -31.41 32.48 -7.83
C ILE B 367 -30.42 32.25 -8.97
N TRP B 368 -30.36 31.05 -9.55
CA TRP B 368 -29.22 30.64 -10.39
C TRP B 368 -29.57 30.70 -11.88
N GLY B 369 -30.86 30.91 -12.22
CA GLY B 369 -31.35 30.92 -13.62
C GLY B 369 -31.79 29.53 -14.04
N ASP B 370 -32.28 29.40 -15.28
CA ASP B 370 -32.87 28.15 -15.82
C ASP B 370 -31.80 27.05 -15.96
N ASP B 371 -30.52 27.40 -16.11
CA ASP B 371 -29.41 26.44 -16.41
C ASP B 371 -28.79 25.86 -15.11
N VAL B 372 -29.58 25.59 -14.06
CA VAL B 372 -29.06 25.27 -12.70
C VAL B 372 -28.33 23.93 -12.77
N GLU B 373 -28.73 23.03 -13.68
CA GLU B 373 -28.19 21.65 -13.74
C GLU B 373 -26.83 21.65 -14.47
N GLU B 374 -26.45 22.76 -15.10
CA GLU B 374 -25.18 22.88 -15.87
C GLU B 374 -24.02 23.23 -14.92
N PHE B 375 -22.85 22.67 -15.24
CA PHE B 375 -21.61 22.84 -14.45
C PHE B 375 -20.89 24.02 -15.05
N ARG B 376 -20.99 25.17 -14.41
CA ARG B 376 -20.47 26.42 -14.97
C ARG B 376 -19.79 27.22 -13.88
N PRO B 377 -18.49 26.96 -13.67
CA PRO B 377 -17.73 27.61 -12.58
C PRO B 377 -17.75 29.14 -12.65
N GLU B 378 -18.01 29.67 -13.83
CA GLU B 378 -18.00 31.13 -14.11
C GLU B 378 -19.09 31.80 -13.26
N ARG B 379 -20.10 31.07 -12.79
CA ARG B 379 -21.17 31.61 -11.89
C ARG B 379 -20.54 32.25 -10.67
N PHE B 380 -19.31 31.83 -10.32
CA PHE B 380 -18.60 32.20 -9.07
C PHE B 380 -17.60 33.34 -9.33
N GLU B 381 -17.59 33.96 -10.52
CA GLU B 381 -16.57 35.02 -10.82
C GLU B 381 -16.69 36.13 -9.78
N ASN B 382 -17.90 36.47 -9.38
CA ASN B 382 -18.13 37.69 -8.57
C ASN B 382 -19.05 37.35 -7.39
N PRO B 383 -18.50 37.14 -6.18
CA PRO B 383 -19.32 36.88 -5.01
C PRO B 383 -20.42 37.94 -4.75
N SER B 384 -20.20 39.19 -5.15
CA SER B 384 -21.21 40.26 -4.95
C SER B 384 -22.42 40.07 -5.89
N ALA B 385 -22.31 39.26 -6.95
CA ALA B 385 -23.42 39.05 -7.92
C ALA B 385 -24.29 37.88 -7.46
N ILE B 386 -23.91 37.22 -6.38
CA ILE B 386 -24.67 36.06 -5.85
C ILE B 386 -25.54 36.49 -4.69
N PRO B 387 -26.87 36.24 -4.71
CA PRO B 387 -27.75 36.70 -3.63
C PRO B 387 -27.31 36.14 -2.27
N GLN B 388 -27.68 36.86 -1.21
CA GLN B 388 -27.37 36.47 0.18
C GLN B 388 -27.97 35.11 0.48
N HIS B 389 -27.24 34.23 1.19
CA HIS B 389 -27.71 32.91 1.68
C HIS B 389 -28.10 32.00 0.50
N ALA B 390 -27.60 32.25 -0.69
CA ALA B 390 -27.91 31.39 -1.86
C ALA B 390 -27.01 30.16 -1.87
N PHE B 391 -25.86 30.26 -1.21
CA PHE B 391 -24.78 29.25 -1.32
C PHE B 391 -24.29 28.89 0.09
N LYS B 392 -24.59 27.68 0.56
CA LYS B 392 -24.35 27.34 1.98
C LYS B 392 -23.69 25.98 2.14
N PRO B 393 -22.68 25.59 1.31
CA PRO B 393 -22.06 24.27 1.48
C PRO B 393 -21.32 24.08 2.83
N PHE B 394 -20.96 25.17 3.51
CA PHE B 394 -20.21 25.15 4.80
C PHE B 394 -21.15 25.54 5.94
N GLY B 395 -22.46 25.53 5.71
CA GLY B 395 -23.37 25.85 6.81
C GLY B 395 -23.53 27.34 6.99
N ASN B 396 -23.88 27.76 8.21
CA ASN B 396 -24.33 29.14 8.44
C ASN B 396 -23.78 29.73 9.76
N GLY B 397 -23.32 30.99 9.70
CA GLY B 397 -23.01 31.84 10.87
C GLY B 397 -21.93 31.27 11.75
N GLN B 398 -22.10 31.38 13.08
CA GLN B 398 -21.07 30.93 14.05
C GLN B 398 -20.94 29.42 14.03
N ARG B 399 -21.98 28.71 13.57
CA ARG B 399 -21.97 27.23 13.49
C ARG B 399 -21.63 26.77 12.07
N ALA B 400 -21.02 27.63 11.24
CA ALA B 400 -20.44 27.23 9.96
C ALA B 400 -19.21 26.34 10.21
N CYS B 401 -18.80 25.70 9.14
CA CYS B 401 -17.65 24.78 9.10
C CYS B 401 -16.40 25.52 9.58
N ILE B 402 -15.82 25.08 10.68
CA ILE B 402 -14.49 25.63 11.11
C ILE B 402 -13.40 25.13 10.14
N GLY B 403 -13.62 24.03 9.43
CA GLY B 403 -12.63 23.41 8.52
C GLY B 403 -12.64 23.98 7.12
N GLN B 404 -13.37 25.05 6.82
CA GLN B 404 -13.65 25.47 5.42
C GLN B 404 -12.33 25.87 4.75
N GLN B 405 -11.49 26.61 5.45
CA GLN B 405 -10.22 27.09 4.85
C GLN B 405 -9.34 25.86 4.57
N PHE B 406 -9.27 24.95 5.53
CA PHE B 406 -8.42 23.74 5.46
C PHE B 406 -8.87 22.90 4.26
N ALA B 407 -10.17 22.63 4.16
CA ALA B 407 -10.75 21.80 3.08
C ALA B 407 -10.46 22.44 1.71
N LEU B 408 -10.71 23.72 1.55
CA LEU B 408 -10.55 24.40 0.25
C LEU B 408 -9.06 24.52 -0.09
N HIS B 409 -8.18 24.71 0.91
CA HIS B 409 -6.72 24.73 0.62
C HIS B 409 -6.29 23.35 0.10
N GLU B 410 -6.61 22.28 0.82
CA GLU B 410 -6.19 20.91 0.40
C GLU B 410 -6.81 20.60 -0.96
N ALA B 411 -8.10 20.91 -1.16
CA ALA B 411 -8.80 20.53 -2.41
C ALA B 411 -8.19 21.33 -3.57
N THR B 412 -7.90 22.61 -3.38
CA THR B 412 -7.31 23.45 -4.45
C THR B 412 -5.91 22.90 -4.79
N LEU B 413 -5.09 22.65 -3.79
CA LEU B 413 -3.70 22.16 -4.00
C LEU B 413 -3.73 20.87 -4.81
N VAL B 414 -4.52 19.90 -4.35
CA VAL B 414 -4.56 18.54 -4.94
C VAL B 414 -5.14 18.61 -6.35
N LEU B 415 -6.25 19.33 -6.53
CA LEU B 415 -6.88 19.36 -7.87
C LEU B 415 -5.91 20.09 -8.82
N GLY B 416 -5.28 21.18 -8.35
CA GLY B 416 -4.26 21.86 -9.16
C GLY B 416 -3.13 20.90 -9.60
N MET B 417 -2.59 20.11 -8.68
CA MET B 417 -1.51 19.14 -9.00
C MET B 417 -2.05 18.06 -9.93
N MET B 418 -3.27 17.57 -9.71
CA MET B 418 -3.85 16.54 -10.59
C MET B 418 -3.90 17.08 -12.03
N LEU B 419 -4.37 18.32 -12.19
CA LEU B 419 -4.59 18.95 -13.52
C LEU B 419 -3.24 19.31 -14.14
N LYS B 420 -2.23 19.57 -13.34
CA LYS B 420 -0.87 19.83 -13.89
C LYS B 420 -0.30 18.52 -14.45
N HIS B 421 -0.51 17.39 -13.78
CA HIS B 421 0.37 16.20 -13.98
C HIS B 421 -0.25 15.20 -14.96
N PHE B 422 -1.57 15.24 -15.16
CA PHE B 422 -2.32 14.18 -15.87
C PHE B 422 -3.40 14.79 -16.80
N ASP B 423 -3.58 14.12 -17.95
CA ASP B 423 -4.86 14.17 -18.71
C ASP B 423 -5.76 13.07 -18.13
N PHE B 424 -7.08 13.23 -18.25
CA PHE B 424 -8.07 12.31 -17.64
C PHE B 424 -9.03 11.82 -18.72
N GLU B 425 -9.39 10.55 -18.64
CA GLU B 425 -10.34 9.89 -19.55
C GLU B 425 -11.47 9.28 -18.71
N ASP B 426 -12.71 9.58 -19.07
CA ASP B 426 -13.93 8.91 -18.54
C ASP B 426 -14.13 7.65 -19.37
N HIS B 427 -13.24 6.67 -19.19
CA HIS B 427 -13.12 5.47 -20.05
C HIS B 427 -14.38 4.59 -19.97
N THR B 428 -15.18 4.63 -18.90
CA THR B 428 -16.39 3.77 -18.76
C THR B 428 -17.66 4.55 -19.08
N ASN B 429 -17.55 5.85 -19.38
CA ASN B 429 -18.73 6.75 -19.48
C ASN B 429 -19.55 6.64 -18.18
N TYR B 430 -18.91 6.87 -17.05
CA TYR B 430 -19.46 6.60 -15.71
C TYR B 430 -20.83 7.25 -15.52
N GLU B 431 -21.79 6.49 -15.00
CA GLU B 431 -23.15 6.97 -14.65
C GLU B 431 -23.12 7.33 -13.17
N LEU B 432 -23.31 8.60 -12.84
CA LEU B 432 -23.25 9.10 -11.44
C LEU B 432 -24.17 8.25 -10.54
N ASP B 433 -23.59 7.71 -9.46
CA ASP B 433 -24.24 6.89 -8.42
C ASP B 433 -23.72 7.40 -7.08
N ILE B 434 -24.59 7.98 -6.27
CA ILE B 434 -24.15 8.76 -5.09
C ILE B 434 -24.44 7.92 -3.86
N LYS B 435 -23.36 7.55 -3.18
CA LYS B 435 -23.43 6.77 -1.93
C LYS B 435 -23.56 7.77 -0.77
N GLU B 436 -24.42 7.44 0.21
CA GLU B 436 -24.67 8.33 1.36
C GLU B 436 -24.18 7.71 2.67
N THR B 437 -23.45 8.50 3.46
CA THR B 437 -23.18 8.29 4.90
C THR B 437 -23.68 9.55 5.60
N LEU B 438 -22.90 10.20 6.46
CA LEU B 438 -23.22 11.61 6.81
C LEU B 438 -23.10 12.46 5.55
N THR B 439 -22.27 12.01 4.59
CA THR B 439 -21.83 12.79 3.41
C THR B 439 -22.12 12.02 2.13
N LEU B 440 -21.92 12.71 1.02
CA LEU B 440 -22.20 12.18 -0.34
C LEU B 440 -20.88 11.93 -1.03
N LYS B 441 -20.76 10.79 -1.71
CA LYS B 441 -19.61 10.45 -2.56
C LYS B 441 -20.06 9.74 -3.82
N PRO B 442 -19.38 9.96 -4.97
CA PRO B 442 -19.69 9.18 -6.17
C PRO B 442 -19.14 7.74 -6.21
N GLU B 443 -19.99 6.78 -5.88
CA GLU B 443 -19.59 5.36 -5.77
C GLU B 443 -19.21 4.83 -7.17
N GLY B 444 -18.08 4.12 -7.24
CA GLY B 444 -17.69 3.37 -8.44
C GLY B 444 -17.13 4.29 -9.52
N PHE B 445 -16.92 5.57 -9.20
CA PHE B 445 -16.33 6.52 -10.15
C PHE B 445 -14.88 6.15 -10.39
N VAL B 446 -14.57 5.85 -11.66
CA VAL B 446 -13.24 5.41 -12.12
C VAL B 446 -12.88 6.26 -13.34
N VAL B 447 -11.57 6.52 -13.48
CA VAL B 447 -11.00 7.26 -14.63
C VAL B 447 -9.67 6.60 -14.96
N LYS B 448 -9.12 6.93 -16.14
CA LYS B 448 -7.75 6.64 -16.57
C LYS B 448 -7.02 7.99 -16.65
N ALA B 449 -5.81 8.01 -16.12
CA ALA B 449 -4.93 9.18 -16.15
C ALA B 449 -3.80 8.88 -17.13
N LYS B 450 -3.49 9.83 -18.00
CA LYS B 450 -2.31 9.76 -18.90
C LYS B 450 -1.34 10.83 -18.41
N SER B 451 -0.18 10.41 -17.92
CA SER B 451 0.83 11.32 -17.32
C SER B 451 1.25 12.33 -18.38
N LYS B 452 1.37 13.61 -18.01
CA LYS B 452 2.05 14.59 -18.87
C LYS B 452 3.58 14.50 -18.66
N LYS B 453 4.05 13.53 -17.87
CA LYS B 453 5.51 13.27 -17.63
C LYS B 453 6.23 14.52 -17.14
N ILE B 454 5.62 15.27 -16.22
CA ILE B 454 6.25 16.46 -15.60
C ILE B 454 6.79 16.01 -14.26
N PRO B 455 8.13 16.11 -14.06
CA PRO B 455 8.76 15.63 -12.83
C PRO B 455 8.31 16.39 -11.58
N LEU B 456 8.27 15.70 -10.43
CA LEU B 456 8.09 16.35 -9.11
C LEU B 456 9.45 16.78 -8.55
CHA HEM C . 20.72 -20.08 -11.14
CHB HEM C . 21.38 -18.53 -6.64
CHC HEM C . 19.24 -14.33 -7.76
CHD HEM C . 18.35 -15.97 -12.15
C1A HEM C . 21.10 -20.01 -9.84
C2A HEM C . 21.75 -21.07 -9.13
C3A HEM C . 21.96 -20.62 -7.85
C4A HEM C . 21.38 -19.32 -7.77
CMA HEM C . 22.54 -21.39 -6.67
CAA HEM C . 22.18 -22.40 -9.70
CBA HEM C . 21.03 -23.39 -9.66
CGA HEM C . 21.45 -24.81 -10.06
O1A HEM C . 20.50 -25.60 -10.17
O2A HEM C . 22.64 -25.18 -10.26
C1B HEM C . 20.83 -17.25 -6.56
C2B HEM C . 20.93 -16.46 -5.37
C3B HEM C . 20.34 -15.25 -5.68
C4B HEM C . 19.91 -15.36 -7.09
CMB HEM C . 21.54 -16.89 -4.08
CAB HEM C . 20.11 -14.01 -4.92
CBB HEM C . 20.71 -13.69 -3.80
C1C HEM C . 18.79 -14.38 -9.04
C2C HEM C . 18.13 -13.33 -9.71
C3C HEM C . 17.92 -13.81 -10.99
C4C HEM C . 18.42 -15.15 -11.05
CMC HEM C . 17.72 -11.95 -9.16
CAC HEM C . 17.24 -13.18 -12.13
CBC HEM C . 16.67 -12.01 -12.14
C1D HEM C . 18.92 -17.24 -12.23
C2D HEM C . 18.83 -18.07 -13.45
C3D HEM C . 19.48 -19.22 -13.16
C4D HEM C . 19.95 -19.08 -11.77
CMD HEM C . 18.14 -17.69 -14.70
CAD HEM C . 19.75 -20.36 -14.13
CBD HEM C . 21.01 -20.01 -14.91
CGD HEM C . 21.42 -21.05 -15.96
O1D HEM C . 21.52 -22.25 -15.56
O2D HEM C . 21.63 -20.72 -17.18
NA HEM C . 20.87 -18.96 -8.97
NB HEM C . 20.24 -16.55 -7.53
NC HEM C . 18.99 -15.43 -9.86
ND HEM C . 19.58 -17.91 -11.24
FE HEM C . 19.97 -17.24 -9.44
O5 ZP6 D . 14.07 -32.49 -5.33
C15 ZP6 D . 14.96 -33.35 -5.11
O4 ZP6 D . 15.25 -34.30 -5.90
C14 ZP6 D . 15.73 -33.24 -3.81
C16 ZP6 D . 14.92 -33.92 -2.71
C17 ZP6 D . 14.65 -35.39 -2.98
C22 ZP6 D . 13.38 -35.77 -3.36
C21 ZP6 D . 13.13 -37.11 -3.62
C20 ZP6 D . 14.13 -38.05 -3.44
C19 ZP6 D . 15.40 -37.66 -3.07
C18 ZP6 D . 15.69 -36.32 -2.85
N2 ZP6 D . 15.82 -31.84 -3.39
C13 ZP6 D . 16.64 -31.37 -2.47
O3 ZP6 D . 17.45 -32.06 -1.88
C12 ZP6 D . 16.57 -29.87 -2.17
C11 ZP6 D . 15.93 -29.57 -0.81
C10 ZP6 D . 14.47 -29.36 -1.07
C9 ZP6 D . 14.36 -28.83 -2.48
N1 ZP6 D . 15.69 -29.10 -3.07
C8 ZP6 D . 16.10 -28.64 -4.25
O2 ZP6 D . 17.14 -28.98 -4.85
O1 ZP6 D . 15.24 -27.64 -4.84
C7 ZP6 D . 15.54 -27.19 -6.16
C5 ZP6 D . 16.53 -26.05 -6.19
C6 ZP6 D . 16.45 -24.99 -5.26
C1 ZP6 D . 17.35 -23.93 -5.32
C4 ZP6 D . 17.51 -26.02 -7.22
C3 ZP6 D . 18.42 -24.98 -7.28
C2 ZP6 D . 18.35 -23.92 -6.31
N1 GQR E . 18.04 -18.03 -8.91
C9 GQR E . 17.70 -19.48 -8.94
C5 GQR E . 16.28 -19.55 -9.15
C6 GQR E . 15.63 -19.27 -10.36
C1 GQR E . 14.22 -19.37 -10.33
C8 GQR E . 17.92 -20.11 -7.58
C7 GQR E . 16.58 -20.23 -6.81
C4 GQR E . 15.65 -19.94 -7.97
C3 GQR E . 14.27 -20.08 -7.96
C2 GQR E . 13.59 -19.77 -9.16
C1 GOL F . 2.75 -7.54 -2.07
O1 GOL F . 2.16 -6.83 -0.98
C2 GOL F . 4.07 -8.17 -1.69
O2 GOL F . 3.94 -8.79 -0.40
C3 GOL F . 4.60 -9.17 -2.69
O3 GOL F . 3.58 -10.01 -3.23
C1 GOL G . 28.85 -5.43 -3.17
O1 GOL G . 28.52 -6.70 -3.72
C2 GOL G . 29.76 -4.60 -4.06
O2 GOL G . 30.49 -3.67 -3.27
C3 GOL G . 29.02 -3.90 -5.19
O3 GOL G . 29.48 -4.30 -6.48
C1 GOL H . 27.30 -30.50 -20.68
O1 GOL H . 28.21 -31.35 -20.00
C2 GOL H . 26.81 -31.18 -21.95
O2 GOL H . 27.77 -32.18 -22.32
C3 GOL H . 25.43 -31.78 -21.78
O3 GOL H . 25.12 -32.69 -22.83
C1 GOL I . 11.20 7.29 12.24
O1 GOL I . 12.04 7.05 13.36
C2 GOL I . 10.43 6.06 11.81
O2 GOL I . 11.31 5.04 11.31
C3 GOL I . 9.61 5.46 12.93
O3 GOL I . 8.85 6.45 13.61
C1 GOL J . 7.26 7.80 -11.18
O1 GOL J . 7.24 9.19 -11.54
C2 GOL J . 8.63 7.34 -10.75
O2 GOL J . 8.55 6.42 -9.65
C3 GOL J . 9.56 8.48 -10.40
O3 GOL J . 9.39 8.89 -9.05
C1 GOL K . 8.42 12.48 3.41
O1 GOL K . 7.16 11.84 3.57
C2 GOL K . 9.52 11.78 4.16
O2 GOL K . 10.03 10.71 3.37
C3 GOL K . 9.09 11.25 5.52
O3 GOL K . 9.99 11.65 6.55
CHA HEM L . -19.30 22.03 10.42
CHB HEM L . -19.37 21.16 5.70
CHC HEM L . -14.64 19.90 5.82
CHD HEM L . -14.75 20.42 10.62
C1A HEM L . -19.69 21.88 9.10
C2A HEM L . -21.01 22.24 8.63
C3A HEM L . -21.04 21.97 7.32
C4A HEM L . -19.74 21.49 6.98
CMA HEM L . -22.19 22.12 6.36
CAA HEM L . -22.17 22.76 9.46
CBA HEM L . -22.93 21.58 10.12
CGA HEM L . -24.23 21.92 10.84
O1A HEM L . -24.74 20.99 11.57
O2A HEM L . -24.81 23.07 10.77
C1B HEM L . -18.08 20.75 5.32
C2B HEM L . -17.69 20.53 3.97
C3B HEM L . -16.38 20.14 4.01
C4B HEM L . -15.94 20.23 5.40
CMB HEM L . -18.57 20.57 2.75
CAB HEM L . -15.43 19.80 2.96
CBB HEM L . -15.64 20.07 1.72
C1C HEM L . -14.22 19.89 7.12
C2C HEM L . -12.92 19.54 7.62
C3C HEM L . -12.97 19.74 8.97
C4C HEM L . -14.30 20.16 9.32
CMC HEM L . -11.72 19.09 6.80
CAC HEM L . -11.93 19.52 10.00
CBC HEM L . -10.72 19.07 9.77
C1D HEM L . -16.03 20.91 10.95
C2D HEM L . -16.42 21.23 12.33
C3D HEM L . -17.69 21.68 12.28
C4D HEM L . -18.06 21.63 10.86
CMD HEM L . -15.60 20.98 13.55
CAD HEM L . -18.49 22.16 13.49
CBD HEM L . -18.13 23.64 13.69
CGD HEM L . -18.85 24.33 14.86
O1D HEM L . -20.10 24.24 14.94
O2D HEM L . -18.22 24.93 15.77
NA HEM L . -18.93 21.42 8.05
NB HEM L . -17.01 20.58 6.12
NC HEM L . -15.00 20.28 8.15
ND HEM L . -17.06 21.17 10.06
FE HEM L . -16.97 20.93 8.12
O5 ZP6 M . -31.28 12.88 11.48
C15 ZP6 M . -32.33 13.53 11.26
O4 ZP6 M . -33.03 14.00 12.19
C14 ZP6 M . -32.75 13.71 9.84
C16 ZP6 M . -33.53 12.49 9.39
C17 ZP6 M . -34.76 12.19 10.23
C22 ZP6 M . -34.76 11.12 11.11
C21 ZP6 M . -35.91 10.82 11.86
C20 ZP6 M . -37.02 11.61 11.70
C19 ZP6 M . -37.01 12.69 10.83
C18 ZP6 M . -35.89 13.00 10.11
N2 ZP6 M . -31.57 13.80 9.03
C13 ZP6 M . -31.52 14.28 7.80
O3 ZP6 M . -32.50 14.76 7.24
C12 ZP6 M . -30.21 14.24 7.05
C11 ZP6 M . -30.24 13.23 5.92
C10 ZP6 M . -29.78 11.94 6.54
C9 ZP6 M . -28.75 12.34 7.59
N1 ZP6 M . -29.05 13.75 7.82
C8 ZP6 M . -28.39 14.56 8.63
O2 ZP6 M . -28.76 15.67 9.00
O1 ZP6 M . -27.14 14.06 9.14
C7 ZP6 M . -26.37 14.84 10.04
C5 ZP6 M . -25.50 15.86 9.35
C6 ZP6 M . -24.74 15.53 8.22
C1 ZP6 M . -23.91 16.50 7.63
C4 ZP6 M . -25.43 17.14 9.90
C3 ZP6 M . -24.62 18.12 9.33
C2 ZP6 M . -23.87 17.80 8.17
N1 GQR N . -17.49 18.97 8.53
C9 GQR N . -18.76 18.44 9.15
C5 GQR N . -18.59 17.13 9.76
C6 GQR N . -17.85 16.90 10.91
C1 GQR N . -17.73 15.60 11.35
C8 GQR N . -19.78 18.14 8.07
C7 GQR N . -19.91 16.63 7.90
C4 GQR N . -19.20 16.12 9.08
C3 GQR N . -19.13 14.79 9.50
C2 GQR N . -18.38 14.56 10.66
C1 GOL O . -19.17 14.67 27.54
O1 GOL O . -18.99 14.48 28.94
C2 GOL O . -20.52 14.18 27.06
O2 GOL O . -21.50 15.22 27.18
C3 GOL O . -20.50 13.71 25.63
O3 GOL O . -21.80 13.34 25.16
C1 GOL P . 0.01 7.36 -17.80
O1 GOL P . 1.10 7.78 -18.61
C2 GOL P . 0.41 6.45 -16.67
O2 GOL P . 0.24 7.14 -15.43
C3 GOL P . -0.40 5.19 -16.61
O3 GOL P . 0.30 4.10 -17.19
C1 GOL Q . -9.45 27.87 -3.73
O1 GOL Q . -10.65 27.95 -2.94
C2 GOL Q . -8.63 29.16 -3.70
O2 GOL Q . -8.34 29.63 -5.02
C3 GOL Q . -7.32 29.00 -2.96
O3 GOL Q . -7.39 29.50 -1.63
#